data_4L6S
#
_entry.id   4L6S
#
_cell.length_a   48.525
_cell.length_b   93.045
_cell.length_c   165.193
_cell.angle_alpha   90.00
_cell.angle_beta   90.00
_cell.angle_gamma   90.00
#
_symmetry.space_group_name_H-M   'P 21 21 21'
#
loop_
_entity.id
_entity.type
_entity.pdbx_description
1 polymer 'Poly [ADP-ribose] polymerase 1'
2 non-polymer (2S)-6-{[4-(4-chlorophenyl)-3,6-dihydropyridin-1(2H)-yl]methyl}-2-methyl-2H-1,4-benzoxazin-3(4H)-one
3 water water
#
_entity_poly.entity_id   1
_entity_poly.type   'polypeptide(L)'
_entity_poly.pdbx_seq_one_letter_code
;GHMKSKLPKPVQDLIKMIFDVESMKKAMVEYEIDLQKMPLGKLSKRQIQAAYSILSEVQQAVSQGSSDSQILDLSNRFYT
LIPHDFGMKKPPLLNNADSVQAKAEMLDNLLDIEVAYSLLRGGSDDSSKDPIDVNYEKLKTDIKVVDRDSEEAEIIRKYV
KNTHATTHNAYDLEVIDIFKIEREGECQRYKPFKQLHNRRLLWHGSRTTNFAGILSQGLRIAPPEAPVTGYMFGKGIYFA
DMVSKSANYCHTSQGDPIGLILLGEVALGNMYELKHASHISKLPKGKHSVKGLGKTTPDPSANISLDGVDVPLGTGISSG
VNDTSLLYNEYIVYDIAQVNLKYLLKLKFNFKT
;
_entity_poly.pdbx_strand_id   A,B
#
# COMPACT_ATOMS: atom_id res chain seq x y z
N HIS A 2 -50.99 -9.85 20.64
CA HIS A 2 -50.25 -10.93 19.92
C HIS A 2 -49.79 -12.11 20.79
N MET A 3 -49.23 -13.14 20.17
CA MET A 3 -48.86 -14.40 20.85
C MET A 3 -47.60 -14.34 21.76
N LYS A 4 -47.03 -13.15 21.96
CA LYS A 4 -46.04 -12.89 23.06
C LYS A 4 -44.63 -13.51 22.99
N SER A 5 -44.36 -14.47 22.10
CA SER A 5 -42.99 -15.03 21.84
C SER A 5 -42.38 -16.00 22.86
N LYS A 6 -41.93 -17.16 22.37
CA LYS A 6 -41.35 -18.16 23.23
C LYS A 6 -39.81 -18.23 23.23
N LEU A 7 -39.16 -17.36 22.48
CA LEU A 7 -37.68 -17.32 22.46
C LEU A 7 -37.14 -16.97 23.84
N PRO A 8 -36.01 -17.58 24.21
CA PRO A 8 -35.30 -17.18 25.43
C PRO A 8 -35.16 -15.65 25.51
N LYS A 9 -35.17 -15.10 26.73
CA LYS A 9 -35.07 -13.64 26.91
C LYS A 9 -33.81 -13.06 26.27
N PRO A 10 -32.66 -13.75 26.43
CA PRO A 10 -31.46 -13.15 25.83
C PRO A 10 -31.54 -13.00 24.30
N VAL A 11 -32.19 -13.96 23.63
CA VAL A 11 -32.40 -13.91 22.17
C VAL A 11 -33.35 -12.76 21.81
N GLN A 12 -34.41 -12.60 22.60
CA GLN A 12 -35.35 -11.49 22.41
C GLN A 12 -34.68 -10.13 22.56
N ASP A 13 -33.80 -10.01 23.54
CA ASP A 13 -33.13 -8.74 23.75
C ASP A 13 -32.14 -8.54 22.62
N LEU A 14 -31.55 -9.64 22.16
CA LEU A 14 -30.66 -9.53 21.01
C LEU A 14 -31.41 -8.99 19.75
N ILE A 15 -32.53 -9.62 19.41
CA ILE A 15 -33.36 -9.14 18.29
C ILE A 15 -33.75 -7.66 18.40
N LYS A 16 -34.17 -7.23 19.59
CA LYS A 16 -34.44 -5.84 19.89
C LYS A 16 -33.27 -4.90 19.62
N MET A 17 -32.07 -5.32 20.02
CA MET A 17 -30.86 -4.53 19.88
C MET A 17 -30.56 -4.23 18.42
N ILE A 18 -30.69 -5.24 17.56
CA ILE A 18 -30.20 -5.11 16.21
C ILE A 18 -31.20 -4.60 15.20
N PHE A 19 -32.48 -4.69 15.49
CA PHE A 19 -33.46 -4.07 14.62
C PHE A 19 -33.88 -2.68 15.08
N ASP A 20 -33.17 -2.11 16.03
CA ASP A 20 -33.51 -0.79 16.51
C ASP A 20 -33.28 0.36 15.51
N VAL A 21 -34.34 1.01 15.04
CA VAL A 21 -34.31 2.03 13.98
C VAL A 21 -33.60 3.34 14.38
N GLU A 22 -33.83 3.75 15.62
CA GLU A 22 -33.13 4.86 16.21
C GLU A 22 -31.59 4.69 16.25
N SER A 23 -31.14 3.49 16.52
CA SER A 23 -29.68 3.19 16.47
C SER A 23 -29.11 3.29 15.06
N MET A 24 -29.90 2.87 14.07
CA MET A 24 -29.53 3.04 12.68
C MET A 24 -29.34 4.53 12.38
N LYS A 25 -30.31 5.34 12.79
CA LYS A 25 -30.22 6.77 12.53
C LYS A 25 -29.05 7.43 13.23
N LYS A 26 -28.76 6.95 14.42
CA LYS A 26 -27.67 7.45 15.20
C LYS A 26 -26.32 7.14 14.55
N ALA A 27 -26.18 5.93 13.98
CA ALA A 27 -24.97 5.63 13.20
C ALA A 27 -24.85 6.58 12.01
N MET A 28 -25.96 6.79 11.32
CA MET A 28 -25.94 7.71 10.19
C MET A 28 -25.57 9.12 10.61
N VAL A 29 -26.16 9.68 11.66
CA VAL A 29 -25.69 11.03 12.00
C VAL A 29 -24.21 11.06 12.47
N GLU A 30 -23.72 9.96 13.08
CA GLU A 30 -22.30 9.83 13.41
C GLU A 30 -21.41 9.99 12.18
N TYR A 31 -21.84 9.46 11.03
CA TYR A 31 -21.05 9.63 9.81
C TYR A 31 -21.28 10.97 9.12
N GLU A 32 -22.12 11.80 9.73
CA GLU A 32 -22.41 13.17 9.24
C GLU A 32 -23.30 13.22 8.02
N ILE A 33 -24.07 12.14 7.82
CA ILE A 33 -25.07 12.09 6.78
C ILE A 33 -26.22 13.02 7.14
N ASP A 34 -26.65 13.81 6.16
CA ASP A 34 -27.84 14.61 6.28
C ASP A 34 -29.10 13.73 6.13
N LEU A 35 -29.79 13.44 7.25
CA LEU A 35 -31.01 12.61 7.28
C LEU A 35 -32.25 13.25 6.66
N GLN A 36 -32.25 14.57 6.64
CA GLN A 36 -33.20 15.35 5.87
C GLN A 36 -33.10 15.00 4.37
N LYS A 37 -31.90 15.11 3.80
CA LYS A 37 -31.71 14.76 2.38
C LYS A 37 -31.56 13.26 2.08
N MET A 38 -31.01 12.49 3.01
CA MET A 38 -30.74 11.07 2.79
C MET A 38 -31.29 10.24 3.95
N PRO A 39 -32.63 10.13 4.07
CA PRO A 39 -33.11 9.37 5.22
C PRO A 39 -32.91 7.88 5.06
N LEU A 40 -33.11 7.20 6.18
CA LEU A 40 -32.98 5.77 6.27
C LEU A 40 -33.75 5.04 5.19
N GLY A 41 -34.99 5.48 4.96
CA GLY A 41 -35.87 4.81 4.00
C GLY A 41 -35.48 5.10 2.58
N LYS A 42 -34.56 6.05 2.38
CA LYS A 42 -34.11 6.39 1.03
C LYS A 42 -32.78 5.77 0.66
N LEU A 43 -32.10 5.19 1.63
CA LEU A 43 -30.85 4.49 1.40
C LEU A 43 -31.02 3.44 0.31
N SER A 44 -30.13 3.42 -0.69
CA SER A 44 -30.20 2.37 -1.74
C SER A 44 -28.82 1.85 -2.14
N LYS A 45 -28.77 0.57 -2.51
CA LYS A 45 -27.49 -0.02 -2.91
C LYS A 45 -26.87 0.70 -4.13
N ARG A 46 -27.72 1.18 -5.05
CA ARG A 46 -27.17 1.67 -6.29
C ARG A 46 -26.56 3.04 -6.07
N GLN A 47 -27.09 3.81 -5.11
CA GLN A 47 -26.49 5.06 -4.73
C GLN A 47 -25.20 4.83 -3.93
N ILE A 48 -25.19 3.82 -3.07
CA ILE A 48 -23.97 3.49 -2.35
C ILE A 48 -22.87 3.10 -3.34
N GLN A 49 -23.24 2.25 -4.31
CA GLN A 49 -22.26 1.85 -5.33
C GLN A 49 -21.73 3.04 -6.14
N ALA A 50 -22.62 3.93 -6.59
CA ALA A 50 -22.22 5.16 -7.30
C ALA A 50 -21.20 5.92 -6.46
N ALA A 51 -21.44 5.97 -5.16
CA ALA A 51 -20.58 6.72 -4.28
C ALA A 51 -19.22 6.04 -4.12
N TYR A 52 -19.21 4.71 -4.04
CA TYR A 52 -17.91 4.00 -4.05
C TYR A 52 -17.08 4.36 -5.32
N SER A 53 -17.75 4.41 -6.47
CA SER A 53 -17.06 4.74 -7.73
C SER A 53 -16.38 6.09 -7.70
N ILE A 54 -17.06 7.10 -7.19
CA ILE A 54 -16.46 8.42 -7.08
C ILE A 54 -15.27 8.39 -6.15
N LEU A 55 -15.42 7.65 -5.07
CA LEU A 55 -14.39 7.46 -4.11
C LEU A 55 -13.17 6.81 -4.79
N SER A 56 -13.42 5.86 -5.68
CA SER A 56 -12.34 5.32 -6.51
C SER A 56 -11.65 6.37 -7.38
N GLU A 57 -12.44 7.24 -8.03
CA GLU A 57 -11.90 8.35 -8.80
C GLU A 57 -11.00 9.21 -7.92
N VAL A 58 -11.47 9.54 -6.72
CA VAL A 58 -10.68 10.29 -5.75
C VAL A 58 -9.33 9.59 -5.40
N GLN A 59 -9.37 8.27 -5.17
CA GLN A 59 -8.15 7.46 -4.88
C GLN A 59 -7.15 7.61 -6.02
N GLN A 60 -7.64 7.55 -7.26
CA GLN A 60 -6.87 7.78 -8.47
C GLN A 60 -6.12 9.10 -8.37
N ALA A 61 -6.88 10.18 -8.23
CA ALA A 61 -6.29 11.52 -8.24
C ALA A 61 -5.33 11.74 -7.06
N VAL A 62 -5.51 11.00 -5.99
CA VAL A 62 -4.59 11.05 -4.84
C VAL A 62 -3.26 10.36 -5.16
N SER A 63 -3.33 9.17 -5.75
CA SER A 63 -2.14 8.38 -6.09
C SER A 63 -1.23 9.11 -7.06
N GLN A 64 -1.81 10.00 -7.86
CA GLN A 64 -1.06 10.70 -8.89
C GLN A 64 -0.97 12.24 -8.73
N GLY A 65 -1.13 12.74 -7.51
CA GLY A 65 -1.02 14.19 -7.21
C GLY A 65 -1.74 15.10 -8.18
N SER A 67 -3.75 17.88 -7.96
CA SER A 67 -4.06 19.30 -7.76
C SER A 67 -5.18 19.47 -6.75
N ASP A 68 -5.24 20.61 -6.08
CA ASP A 68 -6.41 20.91 -5.25
C ASP A 68 -7.54 21.41 -6.13
N SER A 69 -7.18 21.84 -7.34
CA SER A 69 -8.10 22.12 -8.42
C SER A 69 -9.00 20.91 -8.65
N GLN A 70 -8.44 19.87 -9.25
CA GLN A 70 -9.23 18.72 -9.66
C GLN A 70 -9.80 17.92 -8.48
N ILE A 71 -9.09 17.91 -7.37
CA ILE A 71 -9.54 17.18 -6.18
C ILE A 71 -10.88 17.69 -5.67
N LEU A 72 -11.11 18.99 -5.88
CA LEU A 72 -12.33 19.64 -5.46
C LEU A 72 -13.58 19.11 -6.17
N ASP A 73 -13.53 19.09 -7.50
CA ASP A 73 -14.62 18.54 -8.33
C ASP A 73 -15.05 17.16 -7.89
N LEU A 74 -14.08 16.26 -7.71
CA LEU A 74 -14.34 14.87 -7.34
C LEU A 74 -14.91 14.76 -5.92
N SER A 75 -14.32 15.54 -5.02
CA SER A 75 -14.77 15.65 -3.66
C SER A 75 -16.24 16.03 -3.72
N ASN A 76 -16.55 17.12 -4.41
CA ASN A 76 -17.93 17.55 -4.52
C ASN A 76 -18.89 16.51 -5.09
N ARG A 77 -18.44 15.76 -6.10
CA ARG A 77 -19.30 14.73 -6.71
C ARG A 77 -19.71 13.67 -5.68
N PHE A 78 -18.79 13.32 -4.78
CA PHE A 78 -19.04 12.35 -3.71
C PHE A 78 -20.14 12.84 -2.79
N TYR A 79 -19.99 14.08 -2.35
CA TYR A 79 -21.03 14.72 -1.49
C TYR A 79 -22.35 14.94 -2.19
N THR A 80 -22.33 14.97 -3.53
CA THR A 80 -23.60 15.01 -4.26
C THR A 80 -24.37 13.69 -4.08
N LEU A 81 -23.68 12.55 -4.15
CA LEU A 81 -24.32 11.23 -4.06
C LEU A 81 -24.65 10.82 -2.63
N ILE A 82 -23.82 11.24 -1.67
CA ILE A 82 -24.12 10.99 -0.25
C ILE A 82 -24.21 12.31 0.48
N PRO A 83 -25.41 12.91 0.48
CA PRO A 83 -25.63 14.20 1.16
C PRO A 83 -25.09 14.21 2.61
N HIS A 84 -24.22 15.17 2.92
CA HIS A 84 -23.68 15.33 4.26
C HIS A 84 -24.29 16.55 4.96
N ASP A 85 -24.03 16.68 6.25
CA ASP A 85 -24.66 17.69 7.09
C ASP A 85 -23.74 18.90 7.26
N PHE A 86 -23.72 19.79 6.27
CA PHE A 86 -22.85 20.96 6.35
C PHE A 86 -23.51 22.35 6.17
N GLY A 87 -24.84 22.41 6.11
CA GLY A 87 -25.52 23.72 5.99
C GLY A 87 -25.21 24.48 4.70
N MET A 88 -25.00 25.80 4.76
CA MET A 88 -24.64 26.59 3.56
C MET A 88 -23.15 26.70 3.35
N LYS A 89 -22.43 25.81 4.05
CA LYS A 89 -21.20 25.09 3.65
C LYS A 89 -20.07 25.54 2.72
N LYS A 90 -19.71 24.57 1.88
CA LYS A 90 -18.37 24.22 1.41
C LYS A 90 -17.92 23.09 2.36
N PRO A 91 -18.19 21.82 1.97
CA PRO A 91 -17.83 20.66 2.81
C PRO A 91 -16.31 20.57 2.92
N PRO A 92 -15.77 19.68 3.78
CA PRO A 92 -14.32 19.62 3.73
C PRO A 92 -13.83 18.80 2.55
N LEU A 93 -12.65 19.17 2.06
CA LEU A 93 -12.09 18.62 0.84
C LEU A 93 -11.63 17.19 1.12
N LEU A 94 -11.91 16.27 0.20
CA LEU A 94 -11.42 14.90 0.34
C LEU A 94 -10.12 14.78 -0.47
N ASN A 95 -8.99 14.96 0.19
CA ASN A 95 -7.75 15.10 -0.57
C ASN A 95 -6.65 14.15 -0.19
N ASN A 96 -6.94 13.21 0.71
CA ASN A 96 -5.93 12.25 1.15
C ASN A 96 -6.44 10.80 1.30
N ALA A 97 -5.54 9.91 1.70
CA ALA A 97 -5.82 8.50 1.81
C ALA A 97 -6.66 8.16 3.04
N ASP A 98 -6.49 8.95 4.10
CA ASP A 98 -7.37 8.88 5.28
C ASP A 98 -8.80 9.23 4.96
N SER A 99 -8.98 10.28 4.16
CA SER A 99 -10.27 10.64 3.57
C SER A 99 -10.91 9.46 2.88
N VAL A 100 -10.13 8.78 2.04
CA VAL A 100 -10.64 7.64 1.29
C VAL A 100 -10.92 6.42 2.20
N GLN A 101 -10.05 6.17 3.16
CA GLN A 101 -10.31 5.08 4.09
C GLN A 101 -11.56 5.34 4.89
N ALA A 102 -11.65 6.54 5.44
CA ALA A 102 -12.76 6.84 6.30
C ALA A 102 -14.09 6.76 5.51
N LYS A 103 -14.16 7.30 4.30
CA LYS A 103 -15.44 7.25 3.58
C LYS A 103 -15.81 5.82 3.08
N ALA A 104 -14.81 5.00 2.73
CA ALA A 104 -15.03 3.64 2.28
C ALA A 104 -15.60 2.80 3.45
N GLU A 105 -15.02 2.98 4.63
CA GLU A 105 -15.54 2.33 5.80
C GLU A 105 -16.96 2.74 6.09
N MET A 106 -17.26 4.04 5.97
CA MET A 106 -18.63 4.52 6.14
C MET A 106 -19.58 3.82 5.17
N LEU A 107 -19.21 3.73 3.90
CA LEU A 107 -20.08 3.14 2.87
C LEU A 107 -20.29 1.65 3.12
N ASP A 108 -19.23 0.94 3.51
CA ASP A 108 -19.37 -0.45 3.96
C ASP A 108 -20.48 -0.58 5.01
N ASN A 109 -20.41 0.28 6.03
CA ASN A 109 -21.44 0.27 7.06
C ASN A 109 -22.89 0.49 6.54
N LEU A 110 -23.05 1.45 5.59
CA LEU A 110 -24.36 1.73 5.00
C LEU A 110 -24.95 0.52 4.26
N LEU A 111 -24.08 -0.29 3.65
CA LEU A 111 -24.55 -1.56 3.07
C LEU A 111 -25.15 -2.47 4.12
N ASP A 112 -24.53 -2.59 5.29
CA ASP A 112 -25.21 -3.34 6.34
C ASP A 112 -26.49 -2.65 6.83
N ILE A 113 -26.49 -1.34 6.99
CA ILE A 113 -27.70 -0.66 7.50
C ILE A 113 -28.89 -0.75 6.50
N GLU A 114 -28.59 -0.74 5.20
CA GLU A 114 -29.62 -0.81 4.20
C GLU A 114 -30.26 -2.20 4.28
N VAL A 115 -29.45 -3.24 4.52
CA VAL A 115 -30.05 -4.59 4.61
C VAL A 115 -31.00 -4.66 5.80
N ALA A 116 -30.55 -4.18 6.97
CA ALA A 116 -31.40 -4.26 8.15
C ALA A 116 -32.73 -3.53 7.92
N TYR A 117 -32.65 -2.33 7.38
CA TYR A 117 -33.85 -1.54 7.18
C TYR A 117 -34.77 -2.17 6.14
N SER A 118 -34.19 -2.72 5.08
CA SER A 118 -35.00 -3.40 4.07
C SER A 118 -35.64 -4.69 4.58
N LEU A 119 -34.98 -5.43 5.46
CA LEU A 119 -35.67 -6.57 6.10
C LEU A 119 -36.89 -6.09 6.93
N LEU A 120 -36.67 -5.01 7.67
CA LEU A 120 -37.68 -4.43 8.53
C LEU A 120 -38.89 -3.93 7.77
N ARG A 121 -38.69 -3.45 6.54
CA ARG A 121 -39.81 -2.90 5.73
C ARG A 121 -40.35 -3.75 4.55
N GLY A 122 -39.62 -4.80 4.14
CA GLY A 122 -40.19 -5.79 3.22
C GLY A 122 -41.04 -6.76 4.05
N GLY A 123 -41.37 -7.91 3.49
CA GLY A 123 -42.10 -8.90 4.30
C GLY A 123 -43.53 -8.48 4.62
N SER A 124 -44.11 -9.15 5.63
CA SER A 124 -45.55 -9.10 5.90
C SER A 124 -45.86 -8.55 7.27
N ASP A 125 -47.08 -8.10 7.46
CA ASP A 125 -47.47 -7.40 8.66
C ASP A 125 -48.67 -8.15 9.25
N ASP A 126 -48.44 -8.81 10.38
CA ASP A 126 -49.46 -9.59 11.05
C ASP A 126 -49.44 -9.26 12.53
N SER A 127 -50.46 -8.52 12.98
CA SER A 127 -50.59 -7.99 14.36
C SER A 127 -50.76 -9.06 15.43
N SER A 128 -51.10 -10.29 15.05
CA SER A 128 -51.31 -11.36 16.02
C SER A 128 -50.00 -12.11 16.29
N LYS A 129 -48.93 -11.64 15.67
CA LYS A 129 -47.60 -12.19 15.87
C LYS A 129 -46.71 -11.20 16.61
N ASP A 130 -45.98 -11.70 17.59
CA ASP A 130 -44.94 -10.91 18.22
C ASP A 130 -43.90 -10.42 17.16
N PRO A 131 -43.70 -9.10 17.05
CA PRO A 131 -42.68 -8.66 16.09
C PRO A 131 -41.24 -9.17 16.38
N ILE A 132 -40.94 -9.50 17.64
CA ILE A 132 -39.70 -10.18 18.01
C ILE A 132 -39.56 -11.49 17.20
N ASP A 133 -40.62 -12.30 17.19
CA ASP A 133 -40.66 -13.53 16.40
C ASP A 133 -40.61 -13.26 14.91
N VAL A 134 -41.30 -12.22 14.45
CA VAL A 134 -41.33 -11.92 13.03
C VAL A 134 -39.91 -11.56 12.57
N ASN A 135 -39.28 -10.66 13.28
CA ASN A 135 -37.91 -10.23 12.97
C ASN A 135 -36.83 -11.28 13.15
N TYR A 136 -36.92 -12.10 14.19
CA TYR A 136 -36.03 -13.26 14.31
C TYR A 136 -36.04 -14.08 13.02
N GLU A 137 -37.24 -14.28 12.47
CA GLU A 137 -37.38 -15.20 11.31
C GLU A 137 -36.69 -14.63 10.07
N LYS A 138 -36.78 -13.32 9.90
CA LYS A 138 -36.09 -12.62 8.82
C LYS A 138 -34.59 -12.92 8.73
N LEU A 139 -33.94 -13.28 9.84
CA LEU A 139 -32.48 -13.50 9.85
C LEU A 139 -31.97 -14.83 9.30
N LYS A 140 -32.88 -15.80 9.12
CA LYS A 140 -32.53 -17.14 8.58
C LYS A 140 -31.29 -17.74 9.24
N THR A 141 -31.26 -17.58 10.55
CA THR A 141 -30.18 -18.00 11.42
C THR A 141 -30.80 -18.61 12.65
N ASP A 142 -30.27 -19.77 13.02
CA ASP A 142 -30.65 -20.39 14.26
C ASP A 142 -29.80 -19.85 15.40
N ILE A 143 -30.43 -19.29 16.43
CA ILE A 143 -29.63 -18.69 17.52
C ILE A 143 -29.96 -19.36 18.84
N LYS A 144 -28.97 -20.00 19.45
CA LYS A 144 -29.17 -20.62 20.74
C LYS A 144 -28.38 -19.93 21.83
N VAL A 145 -28.89 -19.98 23.07
CA VAL A 145 -28.14 -19.57 24.28
C VAL A 145 -27.21 -20.70 24.74
N VAL A 146 -25.94 -20.37 24.87
CA VAL A 146 -24.97 -21.35 25.28
C VAL A 146 -25.04 -21.32 26.80
N ASP A 147 -25.03 -22.48 27.42
CA ASP A 147 -25.15 -22.56 28.87
C ASP A 147 -23.85 -22.05 29.54
N ARG A 148 -23.99 -21.10 30.48
CA ARG A 148 -22.87 -20.52 31.26
C ARG A 148 -21.85 -21.54 31.74
N ASP A 149 -22.34 -22.75 32.00
CA ASP A 149 -21.56 -23.79 32.64
C ASP A 149 -20.95 -24.84 31.70
N SER A 150 -21.28 -24.80 30.43
CA SER A 150 -20.67 -25.73 29.45
C SER A 150 -19.15 -25.53 29.30
N GLU A 151 -18.52 -26.45 28.58
CA GLU A 151 -17.10 -26.34 28.31
C GLU A 151 -16.84 -25.23 27.30
N GLU A 152 -17.65 -25.21 26.25
CA GLU A 152 -17.52 -24.17 25.22
C GLU A 152 -17.60 -22.75 25.80
N ALA A 153 -18.48 -22.52 26.78
CA ALA A 153 -18.55 -21.21 27.47
C ALA A 153 -17.27 -20.90 28.27
N GLU A 154 -16.68 -21.93 28.87
CA GLU A 154 -15.43 -21.79 29.64
C GLU A 154 -14.28 -21.35 28.74
N ILE A 155 -14.06 -22.14 27.70
CA ILE A 155 -13.13 -21.83 26.61
C ILE A 155 -13.31 -20.41 26.05
N ILE A 156 -14.54 -20.06 25.68
CA ILE A 156 -14.83 -18.74 25.10
C ILE A 156 -14.49 -17.63 26.10
N ARG A 157 -14.88 -17.84 27.36
CA ARG A 157 -14.62 -16.86 28.41
C ARG A 157 -13.12 -16.74 28.68
N LYS A 158 -12.38 -17.84 28.58
CA LYS A 158 -10.93 -17.78 28.73
C LYS A 158 -10.27 -17.02 27.55
N TYR A 159 -10.84 -17.20 26.34
CA TYR A 159 -10.39 -16.47 25.13
C TYR A 159 -10.55 -14.96 25.39
N VAL A 160 -11.74 -14.54 25.83
CA VAL A 160 -11.97 -13.13 26.17
C VAL A 160 -10.95 -12.66 27.24
N LYS A 161 -10.86 -13.41 28.32
CA LYS A 161 -10.01 -13.09 29.46
C LYS A 161 -8.51 -12.95 29.13
N ASN A 162 -7.97 -13.81 28.26
CA ASN A 162 -6.54 -13.76 27.98
C ASN A 162 -6.07 -12.84 26.88
N THR A 163 -6.98 -12.38 26.01
CA THR A 163 -6.51 -11.70 24.79
C THR A 163 -6.84 -10.21 24.77
N HIS A 164 -7.04 -9.64 25.95
CA HIS A 164 -7.23 -8.20 26.08
C HIS A 164 -5.87 -7.46 26.13
N ALA A 165 -5.55 -6.69 25.09
CA ALA A 165 -4.27 -5.99 24.97
C ALA A 165 -4.05 -4.83 25.96
N THR A 166 -2.85 -4.80 26.53
CA THR A 166 -2.47 -3.74 27.45
C THR A 166 -2.70 -2.32 26.89
N THR A 167 -2.40 -2.10 25.62
CA THR A 167 -2.65 -0.78 25.02
C THR A 167 -4.17 -0.49 24.76
N HIS A 168 -5.04 -1.45 25.07
CA HIS A 168 -6.49 -1.21 24.97
C HIS A 168 -7.12 -1.23 26.36
N ASN A 169 -6.38 -0.76 27.36
CA ASN A 169 -6.91 -0.85 28.73
C ASN A 169 -7.71 0.34 29.29
N ALA A 170 -8.13 1.25 28.42
CA ALA A 170 -9.09 2.27 28.85
C ALA A 170 -10.50 1.68 29.16
N TYR A 171 -10.70 0.39 28.87
CA TYR A 171 -11.92 -0.31 29.23
C TYR A 171 -11.61 -1.77 29.51
N ASP A 172 -12.51 -2.47 30.20
CA ASP A 172 -12.46 -3.95 30.17
C ASP A 172 -13.83 -4.51 29.84
N LEU A 173 -13.90 -5.83 29.74
CA LEU A 173 -15.05 -6.44 29.09
C LEU A 173 -15.69 -7.47 29.99
N GLU A 174 -17.02 -7.47 30.07
CA GLU A 174 -17.73 -8.62 30.67
C GLU A 174 -18.63 -9.27 29.64
N VAL A 175 -18.62 -10.58 29.61
CA VAL A 175 -19.50 -11.29 28.72
C VAL A 175 -20.90 -11.31 29.33
N ILE A 176 -21.88 -10.72 28.67
CA ILE A 176 -23.27 -10.88 29.17
C ILE A 176 -23.89 -12.22 28.69
N ASP A 177 -24.00 -12.44 27.37
CA ASP A 177 -24.58 -13.71 26.86
C ASP A 177 -23.68 -14.30 25.80
N ILE A 178 -23.69 -15.61 25.65
CA ILE A 178 -22.96 -16.28 24.56
C ILE A 178 -24.02 -17.00 23.71
N PHE A 179 -24.10 -16.67 22.43
CA PHE A 179 -25.00 -17.38 21.53
C PHE A 179 -24.24 -18.27 20.55
N LYS A 180 -24.75 -19.47 20.31
CA LYS A 180 -24.27 -20.37 19.26
C LYS A 180 -25.19 -20.08 18.07
N ILE A 181 -24.61 -19.73 16.93
CA ILE A 181 -25.39 -19.29 15.79
C ILE A 181 -25.10 -20.17 14.56
N GLU A 182 -26.11 -20.32 13.73
CA GLU A 182 -25.98 -21.09 12.47
C GLU A 182 -26.81 -20.49 11.39
N ARG A 183 -26.13 -19.82 10.46
CA ARG A 183 -26.84 -19.22 9.32
C ARG A 183 -27.20 -20.28 8.32
N GLU A 184 -28.43 -20.20 7.80
CA GLU A 184 -28.94 -21.12 6.82
C GLU A 184 -27.99 -21.16 5.60
N GLY A 185 -27.63 -22.38 5.18
CA GLY A 185 -26.81 -22.60 3.99
C GLY A 185 -25.31 -22.44 4.17
N GLU A 186 -24.89 -21.85 5.27
CA GLU A 186 -23.50 -21.45 5.40
C GLU A 186 -22.56 -22.62 5.60
N CYS A 187 -23.02 -23.64 6.34
CA CYS A 187 -22.20 -24.82 6.53
C CYS A 187 -21.93 -25.50 5.18
N GLN A 188 -22.94 -25.46 4.31
CA GLN A 188 -22.88 -25.99 2.95
C GLN A 188 -21.85 -25.22 2.10
N ARG A 189 -21.95 -23.89 2.11
CA ARG A 189 -20.95 -23.02 1.45
C ARG A 189 -19.51 -23.36 1.85
N TYR A 190 -19.34 -23.71 3.12
CA TYR A 190 -18.02 -23.90 3.75
C TYR A 190 -17.36 -25.25 3.42
N LYS A 191 -18.16 -26.21 2.95
CA LYS A 191 -17.70 -27.59 2.74
C LYS A 191 -16.27 -27.81 2.12
N PRO A 192 -15.95 -27.13 1.00
CA PRO A 192 -14.63 -27.30 0.37
C PRO A 192 -13.48 -26.90 1.28
N PHE A 193 -13.77 -26.11 2.30
CA PHE A 193 -12.73 -25.59 3.22
C PHE A 193 -12.70 -26.29 4.54
N LYS A 194 -13.68 -27.15 4.80
CA LYS A 194 -13.95 -27.56 6.18
C LYS A 194 -12.84 -28.42 6.77
N GLN A 195 -11.96 -28.91 5.92
CA GLN A 195 -10.78 -29.62 6.42
C GLN A 195 -9.43 -29.00 6.04
N LEU A 196 -9.40 -27.86 5.38
CA LEU A 196 -8.13 -27.16 5.14
C LEU A 196 -7.29 -27.07 6.42
N HIS A 197 -5.96 -27.10 6.28
CA HIS A 197 -5.09 -26.87 7.45
C HIS A 197 -5.25 -25.44 7.96
N ASN A 198 -4.82 -25.18 9.21
CA ASN A 198 -4.86 -23.83 9.74
C ASN A 198 -6.28 -23.26 9.73
N ARG A 199 -7.25 -24.03 10.19
CA ARG A 199 -8.52 -23.46 10.58
C ARG A 199 -8.43 -22.88 12.01
N ARG A 200 -8.98 -21.69 12.18
CA ARG A 200 -8.78 -20.99 13.43
C ARG A 200 -10.07 -20.26 13.86
N LEU A 201 -10.34 -20.24 15.17
CA LEU A 201 -11.46 -19.51 15.73
C LEU A 201 -11.01 -18.08 16.06
N LEU A 202 -11.60 -17.10 15.36
CA LEU A 202 -11.14 -15.67 15.40
C LEU A 202 -12.27 -14.70 15.63
N TRP A 203 -11.91 -13.51 16.15
CA TRP A 203 -12.89 -12.47 16.53
C TRP A 203 -13.24 -11.59 15.33
N HIS A 204 -14.48 -11.15 15.24
CA HIS A 204 -14.86 -10.05 14.33
C HIS A 204 -15.89 -9.20 15.08
N GLY A 205 -15.49 -7.97 15.42
CA GLY A 205 -16.41 -7.04 16.11
C GLY A 205 -16.92 -6.08 15.08
N SER A 206 -18.10 -5.53 15.33
CA SER A 206 -18.73 -4.57 14.39
C SER A 206 -19.76 -3.81 15.22
N ARG A 207 -20.35 -2.75 14.66
CA ARG A 207 -21.27 -1.98 15.48
C ARG A 207 -22.64 -2.66 15.48
N THR A 208 -23.44 -2.44 16.51
CA THR A 208 -24.57 -3.30 16.69
C THR A 208 -25.51 -3.16 15.50
N THR A 209 -25.45 -2.02 14.79
CA THR A 209 -26.33 -1.77 13.64
C THR A 209 -25.87 -2.47 12.36
N ASN A 210 -24.79 -3.25 12.45
CA ASN A 210 -24.36 -4.11 11.33
C ASN A 210 -24.93 -5.52 11.43
N PHE A 211 -25.35 -5.94 12.63
CA PHE A 211 -25.57 -7.37 12.87
C PHE A 211 -26.79 -8.06 12.21
N ALA A 212 -27.81 -7.26 11.88
CA ALA A 212 -28.95 -7.82 11.13
C ALA A 212 -28.43 -8.19 9.74
N GLY A 213 -27.61 -7.30 9.16
CA GLY A 213 -26.90 -7.52 7.90
C GLY A 213 -25.98 -8.75 7.93
N ILE A 214 -25.15 -8.85 8.97
CA ILE A 214 -24.20 -9.95 9.09
C ILE A 214 -24.95 -11.28 9.26
N LEU A 215 -25.98 -11.30 10.10
CA LEU A 215 -26.68 -12.56 10.29
C LEU A 215 -27.48 -12.99 9.08
N SER A 216 -28.09 -12.04 8.42
CA SER A 216 -28.85 -12.43 7.24
C SER A 216 -27.95 -12.73 6.01
N GLN A 217 -26.81 -12.03 5.86
CA GLN A 217 -26.01 -12.21 4.64
C GLN A 217 -24.62 -12.82 4.83
N GLY A 218 -24.23 -13.05 6.08
CA GLY A 218 -22.85 -13.41 6.45
C GLY A 218 -21.96 -12.19 6.44
N LEU A 219 -20.70 -12.40 6.81
CA LEU A 219 -19.64 -11.45 6.52
C LEU A 219 -19.42 -11.41 5.00
N ARG A 220 -19.28 -10.21 4.48
CA ARG A 220 -19.22 -9.99 3.04
C ARG A 220 -17.96 -9.18 2.69
N ILE A 221 -17.54 -9.25 1.44
CA ILE A 221 -16.46 -8.41 0.93
C ILE A 221 -17.05 -7.17 0.22
N ALA A 222 -16.41 -6.01 0.34
CA ALA A 222 -16.92 -4.77 -0.27
C ALA A 222 -17.04 -4.98 -1.78
N PRO A 223 -18.01 -4.29 -2.45
CA PRO A 223 -18.31 -4.62 -3.86
C PRO A 223 -17.24 -4.16 -4.84
N PRO A 224 -17.38 -4.55 -6.13
CA PRO A 224 -16.35 -4.20 -7.10
C PRO A 224 -16.06 -2.66 -7.20
N GLU A 225 -17.07 -1.80 -7.01
CA GLU A 225 -16.86 -0.33 -7.06
C GLU A 225 -15.98 0.26 -5.95
N ALA A 226 -15.91 -0.44 -4.82
CA ALA A 226 -15.17 0.06 -3.65
C ALA A 226 -13.69 0.22 -4.01
N PRO A 227 -13.03 1.31 -3.55
CA PRO A 227 -11.59 1.48 -3.78
C PRO A 227 -10.78 0.48 -2.95
N VAL A 228 -10.01 -0.37 -3.63
CA VAL A 228 -9.15 -1.36 -2.97
C VAL A 228 -8.18 -0.69 -1.99
N THR A 229 -7.77 0.51 -2.35
CA THR A 229 -6.95 1.38 -1.53
C THR A 229 -7.61 1.79 -0.21
N GLY A 230 -8.94 1.68 -0.12
CA GLY A 230 -9.59 2.03 1.12
C GLY A 230 -9.30 1.11 2.30
N TYR A 231 -8.57 0.01 2.08
CA TYR A 231 -8.40 -1.02 3.15
C TYR A 231 -6.95 -1.48 3.22
N MET A 232 -6.44 -1.67 4.44
CA MET A 232 -5.00 -1.91 4.58
C MET A 232 -4.52 -3.07 3.73
N PHE A 233 -5.29 -4.15 3.67
CA PHE A 233 -4.88 -5.33 2.92
C PHE A 233 -5.91 -5.64 1.83
N GLY A 234 -6.52 -4.55 1.30
CA GLY A 234 -7.48 -4.60 0.21
C GLY A 234 -8.80 -5.23 0.63
N LYS A 235 -9.53 -5.73 -0.37
CA LYS A 235 -10.94 -6.11 -0.17
C LYS A 235 -11.12 -7.57 0.21
N GLY A 236 -11.13 -7.82 1.52
CA GLY A 236 -11.38 -9.15 2.05
C GLY A 236 -12.23 -9.04 3.30
N ILE A 237 -12.25 -10.11 4.11
CA ILE A 237 -12.97 -10.11 5.39
C ILE A 237 -11.91 -10.23 6.49
N TYR A 238 -11.94 -9.33 7.47
CA TYR A 238 -10.83 -9.13 8.41
C TYR A 238 -11.14 -9.76 9.79
N PHE A 239 -10.12 -10.30 10.46
CA PHE A 239 -10.32 -10.97 11.74
C PHE A 239 -9.15 -10.65 12.65
N ALA A 240 -9.33 -10.81 13.97
CA ALA A 240 -8.21 -10.66 14.92
C ALA A 240 -8.11 -11.85 15.85
N ASP A 241 -6.96 -12.03 16.53
CA ASP A 241 -6.84 -13.07 17.55
C ASP A 241 -6.80 -12.49 18.98
N MET A 242 -6.88 -11.16 19.09
CA MET A 242 -6.96 -10.41 20.37
C MET A 242 -8.36 -9.82 20.48
N VAL A 243 -9.12 -10.23 21.49
CA VAL A 243 -10.51 -9.80 21.65
C VAL A 243 -10.65 -8.27 21.64
N SER A 244 -9.67 -7.56 22.24
CA SER A 244 -9.73 -6.08 22.38
C SER A 244 -9.52 -5.35 21.04
N LYS A 245 -8.75 -5.98 20.13
CA LYS A 245 -8.56 -5.41 18.80
C LYS A 245 -9.90 -5.42 18.07
N SER A 246 -10.60 -6.56 18.15
CA SER A 246 -11.90 -6.64 17.49
C SER A 246 -12.93 -5.85 18.27
N ALA A 247 -12.83 -5.84 19.62
CA ALA A 247 -13.81 -5.11 20.43
C ALA A 247 -13.82 -3.62 20.11
N ASN A 248 -12.65 -3.07 19.72
CA ASN A 248 -12.60 -1.65 19.35
C ASN A 248 -13.54 -1.33 18.21
N TYR A 249 -13.84 -2.31 17.36
CA TYR A 249 -14.66 -2.02 16.15
C TYR A 249 -16.16 -1.97 16.48
N CYS A 250 -16.52 -2.34 17.72
CA CYS A 250 -17.86 -2.17 18.26
C CYS A 250 -18.27 -0.69 18.36
N HIS A 251 -17.30 0.21 18.63
CA HIS A 251 -17.55 1.68 18.77
C HIS A 251 -18.57 2.00 19.87
N THR A 252 -18.46 1.27 20.97
CA THR A 252 -19.25 1.52 22.15
C THR A 252 -18.72 2.78 22.87
N SER A 253 -19.44 3.28 23.88
CA SER A 253 -19.00 4.44 24.67
C SER A 253 -19.78 4.51 25.98
N GLN A 254 -19.39 5.43 26.85
CA GLN A 254 -20.17 5.74 28.06
C GLN A 254 -21.64 5.96 27.71
N GLY A 255 -21.89 6.56 26.55
CA GLY A 255 -23.25 6.74 26.07
C GLY A 255 -23.92 5.47 25.55
N ASP A 256 -23.17 4.37 25.42
CA ASP A 256 -23.75 3.07 24.97
C ASP A 256 -22.70 1.98 25.11
N PRO A 257 -22.67 1.31 26.27
CA PRO A 257 -21.49 0.48 26.52
C PRO A 257 -21.72 -1.02 26.24
N ILE A 258 -22.85 -1.35 25.62
CA ILE A 258 -23.15 -2.72 25.24
C ILE A 258 -22.82 -2.89 23.75
N GLY A 259 -21.98 -3.88 23.45
CA GLY A 259 -21.62 -4.25 22.08
C GLY A 259 -21.75 -5.74 21.73
N LEU A 260 -21.49 -6.06 20.47
CA LEU A 260 -21.61 -7.43 19.96
C LEU A 260 -20.36 -7.73 19.19
N ILE A 261 -19.90 -8.98 19.31
CA ILE A 261 -18.71 -9.44 18.65
C ILE A 261 -18.90 -10.91 18.27
N LEU A 262 -18.39 -11.29 17.09
CA LEU A 262 -18.49 -12.66 16.57
C LEU A 262 -17.22 -13.49 16.83
N LEU A 263 -17.41 -14.80 16.88
CA LEU A 263 -16.35 -15.77 16.72
C LEU A 263 -16.66 -16.63 15.49
N GLY A 264 -15.73 -16.63 14.53
CA GLY A 264 -15.91 -17.44 13.33
C GLY A 264 -14.81 -18.47 13.15
N GLU A 265 -15.16 -19.64 12.60
CA GLU A 265 -14.14 -20.56 12.06
C GLU A 265 -13.70 -20.05 10.70
N VAL A 266 -12.42 -19.73 10.59
CA VAL A 266 -11.85 -19.11 9.41
C VAL A 266 -10.80 -20.08 8.81
N ALA A 267 -10.98 -20.45 7.55
CA ALA A 267 -10.05 -21.41 6.94
C ALA A 267 -8.88 -20.66 6.34
N LEU A 268 -7.74 -20.66 7.03
CA LEU A 268 -6.60 -19.82 6.62
C LEU A 268 -5.59 -20.47 5.65
N GLY A 269 -5.46 -21.79 5.74
CA GLY A 269 -4.51 -22.55 4.90
C GLY A 269 -3.11 -21.93 4.83
N ASN A 270 -2.60 -21.76 3.61
CA ASN A 270 -1.25 -21.22 3.42
C ASN A 270 -1.31 -19.67 3.52
N MET A 271 -0.76 -19.12 4.58
CA MET A 271 -0.91 -17.68 4.80
C MET A 271 0.16 -16.87 4.09
N TYR A 272 -0.27 -15.75 3.49
CA TYR A 272 0.68 -14.80 2.93
C TYR A 272 0.93 -13.74 3.99
N GLU A 273 2.14 -13.76 4.54
CA GLU A 273 2.50 -12.99 5.72
C GLU A 273 3.04 -11.63 5.35
N LEU A 274 2.44 -10.57 5.87
CA LEU A 274 2.80 -9.21 5.41
C LEU A 274 2.99 -8.33 6.63
N LYS A 275 3.88 -7.35 6.51
CA LYS A 275 4.16 -6.45 7.62
C LYS A 275 3.56 -5.05 7.40
N HIS A 276 3.25 -4.70 6.14
CA HIS A 276 2.79 -3.36 5.77
C HIS A 276 1.65 -3.41 4.74
N ALA A 277 0.90 -2.30 4.62
CA ALA A 277 -0.19 -2.17 3.67
C ALA A 277 0.13 -2.80 2.32
N SER A 278 -0.85 -3.53 1.80
CA SER A 278 -0.78 -4.08 0.48
C SER A 278 -2.21 -4.18 -0.07
N HIS A 279 -2.56 -3.34 -1.03
CA HIS A 279 -3.97 -3.16 -1.34
C HIS A 279 -4.29 -4.08 -2.50
N ILE A 280 -4.55 -5.35 -2.19
CA ILE A 280 -4.75 -6.31 -3.25
C ILE A 280 -6.22 -6.73 -3.29
N SER A 281 -6.62 -7.39 -4.36
CA SER A 281 -8.00 -7.94 -4.43
C SER A 281 -7.99 -9.46 -4.67
N LYS A 282 -6.84 -9.95 -5.13
CA LYS A 282 -6.59 -11.37 -5.33
C LYS A 282 -5.26 -11.77 -4.67
N LEU A 283 -5.17 -13.01 -4.21
CA LEU A 283 -3.96 -13.53 -3.56
C LEU A 283 -2.98 -14.08 -4.58
N PRO A 284 -1.64 -14.03 -4.31
CA PRO A 284 -0.75 -14.74 -5.24
C PRO A 284 -1.11 -16.23 -5.21
N LYS A 285 -0.77 -16.93 -6.28
CA LYS A 285 -1.07 -18.35 -6.41
C LYS A 285 -0.46 -19.14 -5.25
N GLY A 286 -1.23 -20.08 -4.70
CA GLY A 286 -0.74 -20.93 -3.64
C GLY A 286 -1.22 -20.50 -2.26
N LYS A 287 -1.57 -19.22 -2.10
CA LYS A 287 -1.99 -18.65 -0.81
C LYS A 287 -3.47 -18.70 -0.57
N HIS A 288 -3.92 -18.87 0.69
CA HIS A 288 -5.37 -18.85 0.98
C HIS A 288 -5.85 -17.66 1.82
N SER A 289 -4.91 -16.87 2.34
CA SER A 289 -5.22 -15.79 3.27
C SER A 289 -4.01 -14.90 3.41
N VAL A 290 -4.22 -13.74 4.02
CA VAL A 290 -3.12 -12.88 4.43
C VAL A 290 -3.09 -12.83 5.93
N LYS A 291 -1.87 -12.93 6.48
CA LYS A 291 -1.65 -12.66 7.89
C LYS A 291 -0.83 -11.38 7.98
N GLY A 292 -1.44 -10.34 8.55
CA GLY A 292 -0.72 -9.12 8.93
C GLY A 292 0.05 -9.43 10.20
N LEU A 293 1.38 -9.38 10.15
CA LEU A 293 2.18 -9.84 11.31
C LEU A 293 2.24 -8.79 12.42
N GLY A 294 1.67 -9.13 13.58
CA GLY A 294 1.72 -8.25 14.73
C GLY A 294 3.03 -8.38 15.50
N LYS A 295 3.35 -7.34 16.25
CA LYS A 295 4.46 -7.35 17.19
C LYS A 295 4.17 -8.32 18.37
N THR A 296 2.90 -8.45 18.72
CA THR A 296 2.48 -9.30 19.82
C THR A 296 1.52 -10.36 19.30
N THR A 297 1.65 -11.57 19.82
CA THR A 297 0.74 -12.64 19.47
C THR A 297 0.30 -13.37 20.74
N PRO A 298 -0.96 -13.91 20.77
CA PRO A 298 -1.31 -14.95 21.76
C PRO A 298 -0.25 -16.06 21.71
N ASP A 299 0.21 -16.48 22.89
CA ASP A 299 1.31 -17.44 23.03
C ASP A 299 0.93 -18.74 22.34
N PRO A 300 1.69 -19.10 21.26
CA PRO A 300 1.37 -20.26 20.39
C PRO A 300 1.23 -21.57 21.14
N SER A 301 2.06 -21.74 22.17
CA SER A 301 2.05 -22.98 22.95
C SER A 301 0.82 -23.11 23.86
N ALA A 302 0.07 -22.02 24.07
CA ALA A 302 -1.19 -22.07 24.81
C ALA A 302 -2.43 -22.36 23.94
N ASN A 303 -2.23 -22.79 22.70
CA ASN A 303 -3.33 -23.10 21.80
C ASN A 303 -4.20 -24.28 22.27
N ILE A 304 -5.49 -24.14 22.13
CA ILE A 304 -6.43 -25.15 22.54
C ILE A 304 -7.31 -25.47 21.33
N SER A 305 -7.87 -26.66 21.31
CA SER A 305 -8.70 -27.07 20.19
C SER A 305 -10.16 -27.12 20.64
N LEU A 306 -11.08 -26.63 19.80
CA LEU A 306 -12.51 -26.64 20.13
C LEU A 306 -13.27 -27.15 18.95
N ASP A 307 -13.83 -28.35 19.07
CA ASP A 307 -14.52 -29.05 17.96
C ASP A 307 -13.57 -29.12 16.78
N GLY A 308 -12.34 -29.54 17.05
CA GLY A 308 -11.30 -29.63 16.03
C GLY A 308 -10.63 -28.36 15.52
N VAL A 309 -11.04 -27.17 15.97
CA VAL A 309 -10.53 -25.90 15.40
C VAL A 309 -9.56 -25.22 16.37
N ASP A 310 -8.41 -24.73 15.93
CA ASP A 310 -7.53 -24.00 16.89
C ASP A 310 -8.14 -22.71 17.50
N VAL A 311 -8.01 -22.58 18.82
CA VAL A 311 -8.38 -21.39 19.59
C VAL A 311 -7.08 -20.79 20.18
N PRO A 312 -6.63 -19.64 19.65
CA PRO A 312 -5.39 -18.98 20.08
C PRO A 312 -5.59 -18.10 21.32
N LEU A 313 -5.93 -18.73 22.43
CA LEU A 313 -6.24 -18.03 23.69
C LEU A 313 -5.07 -17.86 24.70
N GLY A 314 -3.83 -18.03 24.28
CA GLY A 314 -2.69 -17.73 25.17
C GLY A 314 -2.57 -16.25 25.44
N THR A 315 -1.86 -15.86 26.51
CA THR A 315 -1.69 -14.42 26.80
C THR A 315 -0.76 -13.84 25.77
N GLY A 316 -0.83 -12.53 25.55
CA GLY A 316 0.04 -11.92 24.55
C GLY A 316 1.52 -12.02 24.91
N ILE A 317 2.34 -12.51 23.98
CA ILE A 317 3.81 -12.43 24.07
C ILE A 317 4.35 -11.87 22.74
N SER A 318 5.63 -11.54 22.72
CA SER A 318 6.31 -11.01 21.52
C SER A 318 6.31 -12.04 20.40
N SER A 319 5.98 -11.61 19.18
CA SER A 319 6.07 -12.49 18.03
C SER A 319 7.51 -12.69 17.59
N GLY A 320 8.37 -11.72 17.89
CA GLY A 320 9.73 -11.72 17.38
C GLY A 320 9.82 -10.88 16.13
N VAL A 321 8.68 -10.52 15.56
CA VAL A 321 8.66 -9.79 14.29
C VAL A 321 9.08 -8.35 14.52
N ASN A 322 10.04 -7.92 13.72
CA ASN A 322 10.72 -6.66 13.93
C ASN A 322 9.91 -5.41 13.57
N ASP A 323 10.00 -5.02 12.31
CA ASP A 323 9.60 -3.67 11.91
C ASP A 323 8.31 -3.83 11.13
N THR A 324 7.21 -3.83 11.87
CA THR A 324 5.90 -4.10 11.34
C THR A 324 4.99 -2.88 11.55
N SER A 325 4.06 -2.67 10.65
CA SER A 325 3.05 -1.64 10.84
C SER A 325 2.01 -2.02 11.91
N LEU A 326 2.05 -3.25 12.43
CA LEU A 326 0.92 -3.80 13.23
C LEU A 326 1.38 -4.19 14.61
N LEU A 327 0.63 -3.73 15.63
CA LEU A 327 0.90 -4.18 17.01
C LEU A 327 0.40 -5.59 17.23
N TYR A 328 -0.72 -5.93 16.60
CA TYR A 328 -1.32 -7.27 16.81
C TYR A 328 -1.67 -7.83 15.45
N ASN A 329 -1.74 -9.17 15.38
CA ASN A 329 -2.03 -9.89 14.17
C ASN A 329 -3.36 -9.46 13.58
N GLU A 330 -3.47 -9.65 12.27
CA GLU A 330 -4.69 -9.43 11.54
C GLU A 330 -4.77 -10.59 10.55
N TYR A 331 -5.97 -11.08 10.23
CA TYR A 331 -6.13 -12.14 9.23
C TYR A 331 -7.18 -11.76 8.23
N ILE A 332 -6.88 -11.94 6.93
CA ILE A 332 -7.81 -11.55 5.88
C ILE A 332 -8.03 -12.70 4.88
N VAL A 333 -9.30 -13.01 4.58
CA VAL A 333 -9.58 -13.95 3.49
C VAL A 333 -10.37 -13.22 2.40
N TYR A 334 -10.26 -13.71 1.16
CA TYR A 334 -10.77 -13.04 0.00
C TYR A 334 -11.80 -13.89 -0.69
N ASP A 335 -12.33 -14.87 0.03
CA ASP A 335 -13.46 -15.63 -0.45
C ASP A 335 -14.42 -15.85 0.70
N ILE A 336 -15.65 -15.32 0.54
CA ILE A 336 -16.70 -15.36 1.59
C ILE A 336 -16.93 -16.80 2.06
N ALA A 337 -16.65 -17.76 1.19
CA ALA A 337 -16.91 -19.15 1.53
C ALA A 337 -15.92 -19.70 2.56
N GLN A 338 -14.88 -18.93 2.89
CA GLN A 338 -13.85 -19.43 3.83
C GLN A 338 -14.18 -19.14 5.31
N VAL A 339 -15.38 -18.65 5.57
CA VAL A 339 -15.81 -18.28 6.95
C VAL A 339 -17.07 -19.06 7.33
N ASN A 340 -17.02 -19.70 8.50
CA ASN A 340 -18.22 -20.30 9.09
C ASN A 340 -18.40 -19.71 10.50
N LEU A 341 -19.37 -18.80 10.63
CA LEU A 341 -19.67 -18.13 11.91
C LEU A 341 -20.17 -19.13 12.95
N LYS A 342 -19.66 -19.05 14.18
CA LYS A 342 -19.93 -20.05 15.20
C LYS A 342 -20.66 -19.48 16.42
N TYR A 343 -20.19 -18.33 16.90
CA TYR A 343 -20.76 -17.68 18.07
C TYR A 343 -20.91 -16.17 17.91
N LEU A 344 -21.79 -15.62 18.74
CA LEU A 344 -22.04 -14.19 18.90
C LEU A 344 -22.03 -13.89 20.41
N LEU A 345 -21.15 -12.97 20.84
CA LEU A 345 -21.11 -12.56 22.25
C LEU A 345 -21.72 -11.21 22.45
N LYS A 346 -22.45 -11.05 23.53
CA LYS A 346 -22.88 -9.73 23.94
C LYS A 346 -22.04 -9.32 25.14
N LEU A 347 -21.45 -8.15 25.03
CA LEU A 347 -20.43 -7.69 25.96
C LEU A 347 -20.77 -6.34 26.58
N LYS A 348 -20.43 -6.24 27.85
CA LYS A 348 -20.49 -4.98 28.55
C LYS A 348 -19.12 -4.35 28.57
N PHE A 349 -19.00 -3.11 28.08
CA PHE A 349 -17.73 -2.39 28.21
C PHE A 349 -17.74 -1.51 29.45
N ASN A 350 -16.78 -1.75 30.36
CA ASN A 350 -16.57 -0.90 31.52
C ASN A 350 -15.44 0.11 31.28
N PHE A 351 -15.81 1.30 30.85
CA PHE A 351 -14.82 2.34 30.60
C PHE A 351 -14.17 2.86 31.90
N LYS A 352 -12.83 2.75 31.98
CA LYS A 352 -12.07 3.18 33.16
C LYS A 352 -11.61 4.63 33.02
N THR A 353 -12.40 5.41 32.28
CA THR A 353 -12.12 6.79 31.97
C THR A 353 -13.43 7.54 31.94
N HIS B 2 50.04 17.81 -17.98
CA HIS B 2 49.66 16.37 -18.06
C HIS B 2 49.47 15.87 -19.51
N MET B 3 49.55 14.55 -19.71
CA MET B 3 49.22 13.97 -21.00
C MET B 3 47.71 14.11 -21.23
N LYS B 4 47.32 14.96 -22.19
CA LYS B 4 45.91 15.12 -22.53
C LYS B 4 45.26 13.79 -22.98
N SER B 5 44.06 13.51 -22.47
CA SER B 5 43.30 12.27 -22.76
C SER B 5 43.16 11.95 -24.24
N LYS B 6 43.22 10.66 -24.57
CA LYS B 6 42.95 10.19 -25.93
C LYS B 6 41.59 9.47 -26.00
N LEU B 7 40.76 9.63 -24.98
CA LEU B 7 39.40 9.05 -24.98
C LEU B 7 38.54 9.73 -26.03
N PRO B 8 37.56 9.02 -26.61
CA PRO B 8 36.70 9.71 -27.57
C PRO B 8 36.06 10.94 -26.92
N LYS B 9 35.95 12.02 -27.68
CA LYS B 9 35.31 13.25 -27.23
C LYS B 9 33.92 13.09 -26.52
N PRO B 10 32.96 12.33 -27.11
CA PRO B 10 31.69 12.20 -26.39
C PRO B 10 31.86 11.54 -25.00
N VAL B 11 32.80 10.61 -24.88
CA VAL B 11 33.09 9.98 -23.59
C VAL B 11 33.71 10.98 -22.59
N GLN B 12 34.69 11.75 -23.04
CA GLN B 12 35.27 12.83 -22.25
C GLN B 12 34.19 13.80 -21.75
N ASP B 13 33.22 14.15 -22.60
CA ASP B 13 32.15 15.04 -22.17
C ASP B 13 31.21 14.39 -21.13
N LEU B 14 30.95 13.09 -21.26
CA LEU B 14 30.16 12.33 -20.25
C LEU B 14 30.86 12.40 -18.90
N ILE B 15 32.18 12.16 -18.89
CA ILE B 15 32.98 12.20 -17.65
C ILE B 15 32.92 13.59 -17.00
N LYS B 16 33.07 14.64 -17.80
CA LYS B 16 33.03 16.00 -17.25
C LYS B 16 31.66 16.23 -16.63
N MET B 17 30.61 15.84 -17.35
CA MET B 17 29.25 16.07 -16.90
C MET B 17 28.99 15.41 -15.54
N ILE B 18 29.43 14.17 -15.37
CA ILE B 18 28.98 13.44 -14.20
C ILE B 18 29.83 13.61 -12.95
N PHE B 19 31.01 14.18 -13.11
CA PHE B 19 31.85 14.48 -11.96
C PHE B 19 31.83 15.97 -11.65
N ASP B 20 30.88 16.70 -12.21
CA ASP B 20 30.84 18.14 -11.99
C ASP B 20 30.40 18.45 -10.54
N VAL B 21 31.29 19.08 -9.78
CA VAL B 21 31.03 19.44 -8.37
C VAL B 21 29.96 20.51 -8.16
N GLU B 22 29.94 21.56 -9.00
CA GLU B 22 28.84 22.52 -8.90
C GLU B 22 27.46 21.91 -9.17
N SER B 23 27.39 20.90 -10.04
CA SER B 23 26.12 20.26 -10.34
C SER B 23 25.62 19.55 -9.11
N MET B 24 26.54 18.92 -8.36
CA MET B 24 26.19 18.26 -7.10
C MET B 24 25.70 19.28 -6.07
N LYS B 25 26.43 20.38 -5.88
CA LYS B 25 26.00 21.43 -4.97
C LYS B 25 24.62 21.98 -5.33
N LYS B 26 24.44 22.27 -6.62
CA LYS B 26 23.21 22.78 -7.14
C LYS B 26 22.07 21.76 -6.96
N ALA B 27 22.36 20.47 -6.93
CA ALA B 27 21.28 19.48 -6.77
C ALA B 27 20.75 19.51 -5.33
N MET B 28 21.67 19.71 -4.37
CA MET B 28 21.34 19.89 -2.97
C MET B 28 20.55 21.15 -2.73
N VAL B 29 20.92 22.22 -3.41
CA VAL B 29 20.23 23.48 -3.25
C VAL B 29 18.81 23.35 -3.72
N GLU B 30 18.61 22.54 -4.76
CA GLU B 30 17.26 22.28 -5.26
C GLU B 30 16.37 21.58 -4.25
N TYR B 31 16.97 20.80 -3.35
CA TYR B 31 16.24 20.31 -2.19
C TYR B 31 16.05 21.35 -1.08
N GLU B 32 16.76 22.46 -1.19
CA GLU B 32 16.66 23.52 -0.20
C GLU B 32 17.46 23.18 1.05
N ILE B 33 18.39 22.24 0.88
CA ILE B 33 19.40 21.93 1.87
C ILE B 33 20.32 23.14 2.04
N ASP B 34 20.70 23.42 3.27
CA ASP B 34 21.43 24.63 3.56
C ASP B 34 22.90 24.31 3.49
N LEU B 35 23.52 24.79 2.40
CA LEU B 35 24.91 24.50 2.10
C LEU B 35 25.91 25.12 3.04
N GLN B 36 25.59 26.28 3.64
CA GLN B 36 26.56 26.85 4.62
C GLN B 36 26.59 26.03 5.89
N LYS B 37 25.44 25.49 6.29
CA LYS B 37 25.38 24.65 7.49
C LYS B 37 25.87 23.26 7.16
N MET B 38 25.38 22.71 6.05
CA MET B 38 25.82 21.39 5.61
C MET B 38 26.35 21.36 4.17
N PRO B 39 27.64 21.71 4.01
CA PRO B 39 28.30 21.65 2.70
C PRO B 39 28.49 20.22 2.19
N LEU B 40 28.66 20.11 0.89
CA LEU B 40 28.84 18.83 0.22
C LEU B 40 29.89 17.93 0.90
N GLY B 41 31.02 18.50 1.30
CA GLY B 41 32.05 17.73 2.00
C GLY B 41 31.62 17.17 3.34
N LYS B 42 30.55 17.70 3.92
CA LYS B 42 30.09 17.20 5.22
C LYS B 42 29.01 16.14 5.12
N LEU B 43 28.50 15.91 3.90
CA LEU B 43 27.47 14.91 3.67
C LEU B 43 28.05 13.56 4.07
N SER B 44 27.36 12.76 4.89
CA SER B 44 27.94 11.46 5.22
C SER B 44 26.89 10.35 5.13
N LYS B 45 27.36 9.13 4.87
CA LYS B 45 26.49 7.95 4.81
C LYS B 45 25.70 7.73 6.08
N ARG B 46 26.39 7.86 7.22
CA ARG B 46 25.79 7.62 8.53
C ARG B 46 24.77 8.69 8.87
N GLN B 47 25.06 9.90 8.42
CA GLN B 47 24.10 10.97 8.54
C GLN B 47 22.84 10.59 7.76
N ILE B 48 23.02 10.15 6.53
CA ILE B 48 21.90 9.69 5.67
C ILE B 48 21.13 8.48 6.24
N GLN B 49 21.85 7.47 6.72
CA GLN B 49 21.20 6.35 7.38
C GLN B 49 20.43 6.78 8.62
N ALA B 50 20.95 7.77 9.36
CA ALA B 50 20.26 8.28 10.55
C ALA B 50 18.93 8.91 10.12
N ALA B 51 18.99 9.78 9.12
CA ALA B 51 17.82 10.42 8.57
C ALA B 51 16.78 9.41 8.10
N TYR B 52 17.20 8.33 7.40
CA TYR B 52 16.25 7.26 7.02
C TYR B 52 15.50 6.69 8.23
N SER B 53 16.23 6.56 9.34
CA SER B 53 15.71 6.02 10.60
C SER B 53 14.61 6.90 11.15
N ILE B 54 14.86 8.22 11.17
CA ILE B 54 13.80 9.17 11.47
C ILE B 54 12.55 8.89 10.60
N LEU B 55 12.70 8.81 9.27
CA LEU B 55 11.53 8.51 8.39
C LEU B 55 10.84 7.21 8.79
N SER B 56 11.64 6.18 9.10
CA SER B 56 11.05 4.91 9.53
C SER B 56 10.23 5.08 10.83
N GLU B 57 10.81 5.78 11.79
CA GLU B 57 10.11 6.07 13.06
C GLU B 57 8.79 6.81 12.81
N VAL B 58 8.76 7.71 11.83
CA VAL B 58 7.53 8.42 11.51
C VAL B 58 6.48 7.42 11.00
N GLN B 59 6.87 6.55 10.08
CA GLN B 59 5.96 5.53 9.54
C GLN B 59 5.38 4.58 10.59
N GLN B 60 6.23 4.09 11.50
CA GLN B 60 5.73 3.29 12.60
C GLN B 60 4.71 4.07 13.47
N ALA B 61 5.06 5.32 13.79
CA ALA B 61 4.16 6.22 14.54
C ALA B 61 2.83 6.45 13.81
N VAL B 62 2.89 6.71 12.52
CA VAL B 62 1.67 6.87 11.77
C VAL B 62 0.86 5.57 11.82
N SER B 63 1.52 4.43 11.92
CA SER B 63 0.77 3.20 11.73
C SER B 63 0.15 2.69 13.04
N GLN B 64 0.85 2.87 14.15
CA GLN B 64 0.29 2.56 15.47
C GLN B 64 -0.81 3.54 15.89
N GLY B 65 -0.92 4.70 15.22
CA GLY B 65 -1.88 5.74 15.60
C GLY B 65 -1.63 6.39 16.98
N SER B 66 -2.46 7.38 17.30
CA SER B 66 -2.37 8.13 18.57
C SER B 66 -1.00 8.84 18.83
N SER B 67 -0.21 9.10 17.79
CA SER B 67 1.14 9.61 18.01
C SER B 67 1.49 10.91 17.23
N ASP B 68 0.48 11.68 16.82
CA ASP B 68 0.70 12.87 15.98
C ASP B 68 1.69 13.87 16.54
N SER B 69 1.70 14.01 17.86
CA SER B 69 2.58 14.89 18.55
C SER B 69 4.04 14.43 18.39
N GLN B 70 4.24 13.12 18.47
CA GLN B 70 5.58 12.59 18.31
C GLN B 70 6.10 12.85 16.87
N ILE B 71 5.25 12.51 15.90
CA ILE B 71 5.43 12.81 14.48
C ILE B 71 5.87 14.26 14.23
N LEU B 72 5.31 15.23 14.95
CA LEU B 72 5.78 16.62 14.78
C LEU B 72 7.19 16.74 15.28
N ASP B 73 7.45 16.15 16.44
CA ASP B 73 8.80 16.23 16.99
C ASP B 73 9.84 15.54 16.05
N LEU B 74 9.45 14.42 15.44
CA LEU B 74 10.32 13.71 14.48
C LEU B 74 10.56 14.56 13.22
N SER B 75 9.51 15.24 12.74
CA SER B 75 9.65 16.13 11.60
C SER B 75 10.72 17.17 11.93
N ASN B 76 10.58 17.81 13.10
CA ASN B 76 11.59 18.74 13.51
C ASN B 76 13.02 18.12 13.62
N ARG B 77 13.12 16.90 14.16
CA ARG B 77 14.44 16.24 14.22
C ARG B 77 15.06 15.99 12.85
N PHE B 78 14.25 15.56 11.87
CA PHE B 78 14.73 15.44 10.47
C PHE B 78 15.44 16.74 9.99
N TYR B 79 14.77 17.88 10.15
CA TYR B 79 15.29 19.19 9.70
C TYR B 79 16.45 19.70 10.54
N THR B 80 16.67 19.09 11.69
CA THR B 80 17.85 19.39 12.47
C THR B 80 19.03 18.53 12.00
N LEU B 81 18.80 17.24 11.80
CA LEU B 81 19.86 16.37 11.25
C LEU B 81 20.29 16.77 9.83
N ILE B 82 19.31 17.07 8.96
CA ILE B 82 19.60 17.56 7.60
C ILE B 82 19.16 19.02 7.54
N PRO B 83 20.07 19.96 7.79
CA PRO B 83 19.73 21.38 7.86
C PRO B 83 19.28 21.89 6.50
N HIS B 84 18.12 22.55 6.47
CA HIS B 84 17.52 23.10 5.26
C HIS B 84 17.44 24.62 5.36
N ASP B 85 17.31 25.33 4.25
CA ASP B 85 16.98 26.74 4.30
C ASP B 85 15.79 27.07 3.42
N PHE B 86 14.62 27.22 4.04
CA PHE B 86 13.41 27.56 3.32
C PHE B 86 13.14 29.04 3.30
N GLY B 87 14.12 29.84 3.72
CA GLY B 87 13.98 31.30 3.75
C GLY B 87 12.91 31.76 4.72
N MET B 88 11.89 32.46 4.21
CA MET B 88 10.75 32.90 5.04
C MET B 88 9.72 31.79 5.11
N LYS B 89 9.79 30.89 4.15
CA LYS B 89 8.81 29.82 3.95
C LYS B 89 8.79 28.82 5.11
N LYS B 90 7.68 28.10 5.23
CA LYS B 90 7.48 27.12 6.28
C LYS B 90 7.86 25.75 5.72
N PRO B 91 8.86 25.06 6.34
CA PRO B 91 9.34 23.73 5.95
C PRO B 91 8.22 22.71 5.95
N PRO B 92 8.07 21.93 4.88
CA PRO B 92 6.98 20.94 4.83
C PRO B 92 7.01 20.02 6.03
N LEU B 93 5.85 19.80 6.60
CA LEU B 93 5.74 18.92 7.74
C LEU B 93 5.67 17.44 7.32
N LEU B 94 6.47 16.58 7.98
CA LEU B 94 6.53 15.15 7.66
C LEU B 94 5.47 14.31 8.38
N ASN B 95 4.21 14.62 8.16
CA ASN B 95 3.14 13.88 8.82
C ASN B 95 2.18 13.17 7.86
N ASN B 96 2.57 13.10 6.60
CA ASN B 96 1.81 12.36 5.59
C ASN B 96 2.70 11.44 4.76
N ALA B 97 2.06 10.57 3.98
CA ALA B 97 2.75 9.65 3.11
C ALA B 97 3.58 10.37 2.04
N ASP B 98 3.00 11.36 1.37
CA ASP B 98 3.66 12.15 0.33
C ASP B 98 4.94 12.79 0.80
N SER B 99 4.92 13.31 2.03
CA SER B 99 6.02 14.01 2.63
C SER B 99 7.16 13.05 2.85
N VAL B 100 6.80 11.89 3.36
CA VAL B 100 7.77 10.93 3.81
C VAL B 100 8.41 10.34 2.55
N GLN B 101 7.56 10.12 1.55
CA GLN B 101 8.01 9.55 0.27
C GLN B 101 8.92 10.50 -0.45
N ALA B 102 8.55 11.77 -0.48
CA ALA B 102 9.44 12.76 -1.06
C ALA B 102 10.80 12.81 -0.31
N LYS B 103 10.81 12.69 1.02
CA LYS B 103 12.10 12.74 1.74
C LYS B 103 13.00 11.53 1.48
N ALA B 104 12.37 10.36 1.44
CA ALA B 104 13.01 9.07 1.13
C ALA B 104 13.69 9.17 -0.22
N GLU B 105 12.99 9.77 -1.17
CA GLU B 105 13.53 9.86 -2.52
C GLU B 105 14.78 10.76 -2.49
N MET B 106 14.66 11.89 -1.79
CA MET B 106 15.77 12.79 -1.66
C MET B 106 16.98 12.07 -1.09
N LEU B 107 16.75 11.24 -0.05
CA LEU B 107 17.86 10.59 0.61
C LEU B 107 18.52 9.55 -0.30
N ASP B 108 17.71 8.81 -1.08
CA ASP B 108 18.24 7.92 -2.13
C ASP B 108 19.27 8.65 -3.02
N ASN B 109 18.86 9.81 -3.53
CA ASN B 109 19.72 10.67 -4.32
C ASN B 109 20.99 11.13 -3.59
N LEU B 110 20.86 11.36 -2.28
CA LEU B 110 21.98 11.84 -1.52
C LEU B 110 23.01 10.75 -1.41
N LEU B 111 22.56 9.51 -1.38
CA LEU B 111 23.51 8.40 -1.33
C LEU B 111 24.40 8.36 -2.59
N ASP B 112 23.84 8.68 -3.76
CA ASP B 112 24.62 8.59 -5.00
C ASP B 112 25.57 9.81 -5.05
N ILE B 113 25.08 10.97 -4.63
CA ILE B 113 25.89 12.16 -4.61
C ILE B 113 27.12 12.00 -3.72
N GLU B 114 26.91 11.45 -2.53
CA GLU B 114 27.95 11.21 -1.57
C GLU B 114 28.96 10.22 -2.17
N VAL B 115 28.47 9.18 -2.85
CA VAL B 115 29.36 8.24 -3.56
C VAL B 115 30.20 8.98 -4.58
N ALA B 116 29.56 9.85 -5.38
CA ALA B 116 30.29 10.55 -6.41
C ALA B 116 31.43 11.38 -5.82
N TYR B 117 31.11 12.17 -4.78
CA TYR B 117 32.08 13.07 -4.19
C TYR B 117 33.15 12.29 -3.43
N SER B 118 32.75 11.22 -2.77
CA SER B 118 33.73 10.37 -2.17
C SER B 118 34.69 9.79 -3.22
N LEU B 119 34.21 9.36 -4.38
CA LEU B 119 35.15 8.91 -5.44
C LEU B 119 36.16 9.97 -5.88
N LEU B 120 35.67 11.18 -6.05
CA LEU B 120 36.47 12.28 -6.56
C LEU B 120 37.60 12.59 -5.59
N ARG B 121 37.30 12.54 -4.30
CA ARG B 121 38.26 12.93 -3.29
C ARG B 121 39.11 11.76 -2.77
N GLY B 122 38.87 10.53 -3.24
CA GLY B 122 39.65 9.37 -2.75
C GLY B 122 40.59 8.79 -3.79
N GLY B 123 41.11 7.58 -3.54
CA GLY B 123 42.01 6.97 -4.52
C GLY B 123 43.39 7.62 -4.50
N SER B 124 44.10 7.47 -5.61
CA SER B 124 45.39 8.10 -5.79
C SER B 124 45.36 9.15 -6.89
N ASP B 125 46.36 10.00 -6.85
CA ASP B 125 46.41 11.23 -7.58
C ASP B 125 47.78 11.33 -8.23
N ASP B 126 47.76 11.62 -9.52
CA ASP B 126 48.95 11.65 -10.34
C ASP B 126 48.75 12.85 -11.25
N SER B 127 49.54 13.91 -11.05
CA SER B 127 49.37 15.15 -11.82
C SER B 127 49.81 14.99 -13.28
N SER B 128 50.55 13.93 -13.59
CA SER B 128 50.90 13.71 -15.00
C SER B 128 49.74 13.16 -15.82
N LYS B 129 48.65 12.77 -15.15
CA LYS B 129 47.46 12.26 -15.85
C LYS B 129 46.45 13.36 -16.14
N ASP B 130 45.72 13.21 -17.25
CA ASP B 130 44.53 14.05 -17.49
C ASP B 130 43.49 13.70 -16.42
N PRO B 131 42.97 14.71 -15.70
CA PRO B 131 41.98 14.33 -14.71
C PRO B 131 40.73 13.66 -15.32
N ILE B 132 40.51 13.79 -16.62
CA ILE B 132 39.41 13.09 -17.26
C ILE B 132 39.71 11.61 -17.27
N ASP B 133 40.98 11.27 -17.45
CA ASP B 133 41.35 9.86 -17.50
C ASP B 133 41.30 9.25 -16.09
N VAL B 134 41.68 10.01 -15.07
CA VAL B 134 41.66 9.54 -13.69
C VAL B 134 40.22 9.21 -13.26
N ASN B 135 39.33 10.16 -13.50
CA ASN B 135 37.92 10.03 -13.19
C ASN B 135 37.21 8.87 -13.92
N TYR B 136 37.47 8.74 -15.23
CA TYR B 136 37.07 7.59 -16.01
C TYR B 136 37.46 6.30 -15.31
N GLU B 137 38.73 6.15 -14.95
CA GLU B 137 39.24 4.94 -14.32
C GLU B 137 38.54 4.62 -13.02
N LYS B 138 38.23 5.65 -12.26
CA LYS B 138 37.55 5.50 -10.99
C LYS B 138 36.19 4.84 -11.13
N LEU B 139 35.56 4.91 -12.30
CA LEU B 139 34.23 4.34 -12.47
C LEU B 139 34.23 2.83 -12.66
N LYS B 140 35.39 2.26 -12.99
CA LYS B 140 35.50 0.80 -13.18
C LYS B 140 34.45 0.26 -14.15
N THR B 141 34.32 0.97 -15.28
CA THR B 141 33.31 0.71 -16.26
C THR B 141 33.93 0.98 -17.64
N ASP B 142 33.80 -0.01 -18.53
CA ASP B 142 34.15 0.19 -19.91
C ASP B 142 33.00 0.92 -20.63
N ILE B 143 33.30 2.09 -21.19
CA ILE B 143 32.28 2.88 -21.89
C ILE B 143 32.68 3.04 -23.35
N LYS B 144 31.86 2.60 -24.29
CA LYS B 144 32.15 2.83 -25.72
C LYS B 144 31.03 3.60 -26.39
N VAL B 145 31.38 4.35 -27.44
CA VAL B 145 30.39 5.10 -28.23
C VAL B 145 29.79 4.13 -29.23
N VAL B 146 28.46 4.00 -29.26
CA VAL B 146 27.82 3.11 -30.24
C VAL B 146 27.72 3.83 -31.56
N ASP B 147 28.15 3.17 -32.65
CA ASP B 147 28.10 3.74 -33.99
C ASP B 147 26.67 4.10 -34.36
N ARG B 148 26.46 5.40 -34.60
CA ARG B 148 25.18 5.98 -34.97
C ARG B 148 24.43 5.20 -36.05
N ASP B 149 25.17 4.45 -36.88
CA ASP B 149 24.62 3.81 -38.06
C ASP B 149 24.40 2.31 -37.89
N SER B 150 24.75 1.77 -36.72
CA SER B 150 24.55 0.35 -36.44
C SER B 150 23.07 -0.04 -36.30
N GLU B 151 22.81 -1.35 -36.21
CA GLU B 151 21.47 -1.88 -35.96
C GLU B 151 21.04 -1.60 -34.52
N GLU B 152 21.95 -1.85 -33.57
CA GLU B 152 21.82 -1.39 -32.18
C GLU B 152 21.24 0.02 -32.11
N ALA B 153 21.97 1.00 -32.65
CA ALA B 153 21.57 2.39 -32.64
C ALA B 153 20.17 2.62 -33.19
N GLU B 154 19.83 1.86 -34.22
CA GLU B 154 18.54 1.97 -34.88
C GLU B 154 17.41 1.43 -34.07
N ILE B 155 17.64 0.31 -33.37
CA ILE B 155 16.68 -0.25 -32.46
C ILE B 155 16.45 0.69 -31.26
N ILE B 156 17.54 1.16 -30.68
CA ILE B 156 17.48 2.14 -29.60
C ILE B 156 16.71 3.41 -29.98
N ARG B 157 16.91 3.95 -31.20
CA ARG B 157 16.20 5.19 -31.56
C ARG B 157 14.69 4.94 -31.77
N LYS B 158 14.37 3.77 -32.33
CA LYS B 158 12.98 3.34 -32.53
C LYS B 158 12.27 3.28 -31.17
N TYR B 159 12.95 2.69 -30.19
CA TYR B 159 12.42 2.55 -28.83
C TYR B 159 12.11 3.95 -28.23
N VAL B 160 13.04 4.89 -28.37
CA VAL B 160 12.84 6.26 -27.91
C VAL B 160 11.67 6.87 -28.70
N LYS B 161 11.69 6.69 -30.02
CA LYS B 161 10.76 7.31 -30.91
C LYS B 161 9.34 6.78 -30.67
N ASN B 162 9.17 5.53 -30.28
CA ASN B 162 7.81 5.00 -30.24
C ASN B 162 7.13 5.03 -28.88
N THR B 163 7.88 5.30 -27.81
CA THR B 163 7.31 5.11 -26.47
C THR B 163 7.29 6.40 -25.65
N HIS B 164 7.16 7.51 -26.36
CA HIS B 164 6.96 8.78 -25.71
C HIS B 164 5.45 8.99 -25.51
N ALA B 165 5.01 8.94 -24.26
CA ALA B 165 3.59 9.03 -23.96
C ALA B 165 3.04 10.40 -24.29
N THR B 166 1.85 10.41 -24.89
CA THR B 166 1.13 11.63 -25.26
C THR B 166 0.95 12.57 -24.07
N THR B 167 0.68 12.01 -22.88
CA THR B 167 0.51 12.84 -21.66
C THR B 167 1.82 13.51 -21.17
N HIS B 168 2.98 13.03 -21.62
CA HIS B 168 4.27 13.71 -21.34
C HIS B 168 4.65 14.72 -22.45
N ASN B 169 3.71 15.62 -22.72
CA ASN B 169 3.76 16.55 -23.84
C ASN B 169 4.55 17.87 -23.62
N ALA B 170 5.03 18.08 -22.40
CA ALA B 170 5.82 19.28 -22.10
C ALA B 170 7.15 19.40 -22.88
N TYR B 171 7.65 18.30 -23.43
CA TYR B 171 8.96 18.27 -24.10
C TYR B 171 8.98 17.14 -25.11
N ASP B 172 9.88 17.23 -26.08
CA ASP B 172 10.21 16.03 -26.84
C ASP B 172 11.71 15.75 -26.72
N LEU B 173 12.12 14.57 -27.16
CA LEU B 173 13.45 14.09 -26.88
C LEU B 173 14.27 13.93 -28.12
N GLU B 174 15.56 14.24 -28.03
CA GLU B 174 16.46 14.02 -29.14
C GLU B 174 17.66 13.25 -28.59
N VAL B 175 18.02 12.15 -29.24
CA VAL B 175 19.16 11.37 -28.76
C VAL B 175 20.46 12.03 -29.20
N ILE B 176 21.38 12.27 -28.28
CA ILE B 176 22.66 12.87 -28.66
C ILE B 176 23.77 11.84 -28.83
N ASP B 177 23.95 10.96 -27.84
CA ASP B 177 24.99 9.93 -27.84
C ASP B 177 24.40 8.69 -27.25
N ILE B 178 24.73 7.54 -27.83
CA ILE B 178 24.41 6.26 -27.21
C ILE B 178 25.74 5.63 -26.79
N PHE B 179 25.87 5.26 -25.52
CA PHE B 179 27.11 4.62 -25.04
C PHE B 179 26.81 3.15 -24.72
N LYS B 180 27.69 2.25 -25.14
CA LYS B 180 27.64 0.87 -24.67
C LYS B 180 28.43 0.79 -23.36
N ILE B 181 27.82 0.18 -22.34
CA ILE B 181 28.49 0.14 -21.02
C ILE B 181 28.66 -1.25 -20.39
N GLU B 182 29.80 -1.41 -19.74
CA GLU B 182 30.03 -2.65 -19.05
C GLU B 182 30.76 -2.41 -17.73
N ARG B 183 29.99 -2.45 -16.64
CA ARG B 183 30.54 -2.35 -15.28
C ARG B 183 31.35 -3.59 -14.92
N GLU B 184 32.56 -3.39 -14.43
CA GLU B 184 33.41 -4.50 -13.98
C GLU B 184 32.62 -5.41 -13.04
N GLY B 185 32.68 -6.72 -13.26
CA GLY B 185 32.01 -7.68 -12.38
C GLY B 185 30.53 -7.94 -12.62
N GLU B 186 29.83 -7.03 -13.31
CA GLU B 186 28.36 -7.14 -13.40
C GLU B 186 27.84 -8.34 -14.23
N CYS B 187 28.46 -8.63 -15.36
CA CYS B 187 28.16 -9.85 -16.12
C CYS B 187 28.23 -11.09 -15.25
N GLN B 188 29.32 -11.22 -14.50
CA GLN B 188 29.51 -12.30 -13.56
C GLN B 188 28.36 -12.36 -12.57
N ARG B 189 28.03 -11.23 -11.94
CA ARG B 189 26.92 -11.18 -10.95
C ARG B 189 25.61 -11.61 -11.61
N TYR B 190 25.45 -11.29 -12.89
CA TYR B 190 24.20 -11.55 -13.60
C TYR B 190 24.02 -13.02 -14.03
N LYS B 191 25.13 -13.76 -14.09
CA LYS B 191 25.11 -15.12 -14.67
C LYS B 191 23.92 -16.03 -14.27
N PRO B 192 23.65 -16.21 -12.97
CA PRO B 192 22.53 -17.07 -12.55
C PRO B 192 21.18 -16.68 -13.15
N PHE B 193 21.04 -15.40 -13.49
CA PHE B 193 19.80 -14.87 -13.98
C PHE B 193 19.70 -14.80 -15.49
N LYS B 194 20.84 -14.93 -16.18
CA LYS B 194 20.83 -14.84 -17.64
C LYS B 194 19.99 -15.98 -18.20
N GLN B 195 19.79 -16.96 -17.33
CA GLN B 195 19.00 -18.17 -17.52
C GLN B 195 17.51 -17.90 -17.59
N LEU B 196 17.04 -17.09 -16.66
CA LEU B 196 15.61 -16.92 -16.37
C LEU B 196 14.81 -16.45 -17.56
N HIS B 197 13.56 -16.90 -17.62
CA HIS B 197 12.64 -16.48 -18.68
C HIS B 197 12.24 -15.03 -18.48
N ASN B 198 11.53 -14.49 -19.47
CA ASN B 198 11.02 -13.12 -19.46
C ASN B 198 12.06 -12.05 -19.06
N ARG B 199 13.11 -11.92 -19.87
CA ARG B 199 14.10 -10.87 -19.73
C ARG B 199 13.77 -9.71 -20.68
N ARG B 200 13.76 -8.48 -20.17
CA ARG B 200 13.36 -7.35 -20.98
C ARG B 200 14.41 -6.26 -20.92
N LEU B 201 14.47 -5.47 -21.98
CA LEU B 201 15.32 -4.26 -22.06
C LEU B 201 14.46 -3.03 -21.70
N LEU B 202 14.80 -2.40 -20.58
CA LEU B 202 13.94 -1.44 -19.94
C LEU B 202 14.71 -0.18 -19.56
N TRP B 203 13.97 0.93 -19.48
CA TRP B 203 14.52 2.24 -19.12
C TRP B 203 14.67 2.47 -17.61
N HIS B 204 15.70 3.21 -17.24
CA HIS B 204 15.81 3.76 -15.90
C HIS B 204 16.43 5.15 -16.06
N GLY B 205 15.65 6.18 -15.73
CA GLY B 205 16.11 7.56 -15.75
C GLY B 205 16.49 7.99 -14.36
N SER B 206 17.46 8.88 -14.28
CA SER B 206 17.96 9.40 -13.01
C SER B 206 18.62 10.76 -13.31
N ARG B 207 18.84 11.59 -12.32
CA ARG B 207 19.54 12.82 -12.65
C ARG B 207 21.03 12.63 -12.83
N THR B 208 21.66 13.63 -13.46
CA THR B 208 23.01 13.46 -13.96
C THR B 208 23.93 13.26 -12.78
N THR B 209 23.53 13.87 -11.66
CA THR B 209 24.30 13.77 -10.39
C THR B 209 24.30 12.38 -9.72
N ASN B 210 23.46 11.46 -10.19
CA ASN B 210 23.49 10.07 -9.71
C ASN B 210 24.44 9.16 -10.47
N PHE B 211 24.85 9.58 -11.68
CA PHE B 211 25.49 8.61 -12.61
C PHE B 211 26.90 8.13 -12.27
N ALA B 212 27.65 8.92 -11.54
CA ALA B 212 28.94 8.38 -11.06
C ALA B 212 28.70 7.25 -10.05
N GLY B 213 27.69 7.41 -9.17
CA GLY B 213 27.32 6.34 -8.24
C GLY B 213 26.74 5.13 -8.94
N ILE B 214 25.96 5.40 -9.97
CA ILE B 214 25.32 4.31 -10.70
C ILE B 214 26.35 3.50 -11.44
N LEU B 215 27.30 4.18 -12.06
CA LEU B 215 28.28 3.43 -12.83
C LEU B 215 29.29 2.74 -11.92
N SER B 216 29.67 3.36 -10.81
CA SER B 216 30.66 2.68 -9.97
C SER B 216 30.05 1.55 -9.16
N GLN B 217 28.84 1.74 -8.65
CA GLN B 217 28.20 0.79 -7.74
C GLN B 217 27.08 -0.02 -8.35
N GLY B 218 26.59 0.40 -9.51
CA GLY B 218 25.38 -0.21 -10.10
C GLY B 218 24.09 0.38 -9.55
N LEU B 219 22.95 -0.07 -10.08
CA LEU B 219 21.71 0.38 -9.53
C LEU B 219 21.54 -0.38 -8.24
N ARG B 220 21.04 0.30 -7.20
CA ARG B 220 20.98 -0.28 -5.85
C ARG B 220 19.58 -0.23 -5.24
N ILE B 221 19.36 -1.04 -4.20
CA ILE B 221 18.13 -0.99 -3.41
C ILE B 221 18.38 -0.10 -2.20
N ALA B 222 17.40 0.68 -1.77
CA ALA B 222 17.54 1.53 -0.58
C ALA B 222 18.02 0.71 0.63
N PRO B 223 18.83 1.33 1.53
CA PRO B 223 19.41 0.54 2.63
C PRO B 223 18.36 0.02 3.64
N PRO B 224 18.77 -0.89 4.56
CA PRO B 224 17.88 -1.43 5.61
C PRO B 224 17.14 -0.38 6.47
N GLU B 225 17.82 0.71 6.86
CA GLU B 225 17.21 1.81 7.64
C GLU B 225 16.03 2.49 6.93
N ALA B 226 15.99 2.43 5.61
CA ALA B 226 14.96 3.14 4.81
C ALA B 226 13.59 2.49 5.01
N PRO B 227 12.51 3.29 5.04
CA PRO B 227 11.14 2.75 5.25
C PRO B 227 10.61 1.98 4.03
N VAL B 228 10.31 0.69 4.17
CA VAL B 228 9.71 -0.07 3.02
C VAL B 228 8.51 0.72 2.49
N THR B 229 7.93 1.49 3.39
CA THR B 229 6.69 2.13 3.08
C THR B 229 6.92 3.47 2.39
N GLY B 230 8.18 3.84 2.20
CA GLY B 230 8.48 5.05 1.49
C GLY B 230 8.40 4.99 -0.03
N TYR B 231 8.03 3.84 -0.61
CA TYR B 231 8.09 3.60 -2.04
C TYR B 231 6.85 2.76 -2.45
N MET B 232 6.21 3.13 -3.55
CA MET B 232 4.94 2.52 -3.92
C MET B 232 4.95 0.98 -3.85
N PHE B 233 6.01 0.35 -4.33
CA PHE B 233 6.14 -1.12 -4.31
C PHE B 233 7.28 -1.61 -3.45
N GLY B 234 7.60 -0.79 -2.47
CA GLY B 234 8.66 -1.13 -1.56
C GLY B 234 10.06 -1.01 -2.13
N LYS B 235 10.99 -1.68 -1.47
CA LYS B 235 12.37 -1.40 -1.68
C LYS B 235 12.89 -2.31 -2.79
N GLY B 236 12.91 -1.78 -4.00
CA GLY B 236 13.34 -2.55 -5.14
C GLY B 236 14.09 -1.63 -6.08
N ILE B 237 14.40 -2.12 -7.28
CA ILE B 237 14.94 -1.29 -8.36
C ILE B 237 13.85 -1.17 -9.45
N TYR B 238 13.47 0.07 -9.76
CA TYR B 238 12.31 0.38 -10.62
C TYR B 238 12.69 0.70 -12.09
N PHE B 239 11.87 0.21 -13.04
CA PHE B 239 12.09 0.37 -14.48
C PHE B 239 10.79 0.70 -15.20
N ALA B 240 10.88 1.29 -16.40
CA ALA B 240 9.68 1.54 -17.20
C ALA B 240 9.89 1.01 -18.61
N ASP B 241 8.79 0.82 -19.34
CA ASP B 241 8.85 0.42 -20.74
C ASP B 241 8.48 1.56 -21.73
N MET B 242 8.16 2.74 -21.19
CA MET B 242 7.92 3.98 -21.98
C MET B 242 9.05 4.97 -21.71
N VAL B 243 9.75 5.41 -22.77
CA VAL B 243 10.94 6.22 -22.54
C VAL B 243 10.64 7.49 -21.71
N SER B 244 9.46 8.08 -21.90
CA SER B 244 9.19 9.36 -21.23
C SER B 244 8.85 9.16 -19.75
N LYS B 245 8.27 8.01 -19.41
CA LYS B 245 8.07 7.77 -17.96
C LYS B 245 9.44 7.82 -17.24
N SER B 246 10.46 7.20 -17.82
CA SER B 246 11.79 7.26 -17.19
C SER B 246 12.44 8.65 -17.35
N ALA B 247 12.20 9.30 -18.48
CA ALA B 247 12.81 10.61 -18.74
C ALA B 247 12.34 11.65 -17.74
N ASN B 248 11.11 11.51 -17.26
CA ASN B 248 10.64 12.38 -16.16
C ASN B 248 11.55 12.29 -14.96
N TYR B 249 12.08 11.10 -14.66
CA TYR B 249 13.02 10.97 -13.53
C TYR B 249 14.39 11.61 -13.72
N CYS B 250 14.67 12.11 -14.92
CA CYS B 250 15.93 12.85 -15.16
C CYS B 250 15.88 14.19 -14.47
N HIS B 251 14.66 14.69 -14.25
CA HIS B 251 14.41 16.02 -13.68
C HIS B 251 15.20 17.08 -14.39
N THR B 252 15.20 17.04 -15.72
CA THR B 252 15.75 18.14 -16.48
C THR B 252 14.79 19.32 -16.42
N SER B 253 15.33 20.51 -16.73
CA SER B 253 14.59 21.79 -16.78
C SER B 253 15.08 22.56 -17.99
N GLN B 254 14.41 23.66 -18.31
CA GLN B 254 14.89 24.50 -19.37
C GLN B 254 16.30 25.09 -19.10
N GLY B 255 16.65 25.23 -17.82
CA GLY B 255 17.99 25.64 -17.36
C GLY B 255 19.07 24.61 -17.63
N ASP B 256 18.76 23.33 -17.37
CA ASP B 256 19.63 22.20 -17.78
C ASP B 256 18.82 21.14 -18.54
N PRO B 257 18.78 21.29 -19.87
CA PRO B 257 17.94 20.42 -20.73
C PRO B 257 18.58 19.09 -21.17
N ILE B 258 19.77 18.77 -20.68
CA ILE B 258 20.49 17.56 -21.09
C ILE B 258 20.24 16.50 -20.02
N GLY B 259 19.83 15.29 -20.42
CA GLY B 259 19.58 14.21 -19.45
C GLY B 259 20.31 12.90 -19.78
N LEU B 260 20.45 12.02 -18.78
CA LEU B 260 21.00 10.67 -18.98
C LEU B 260 19.98 9.58 -18.66
N ILE B 261 19.93 8.53 -19.45
CA ILE B 261 18.95 7.44 -19.23
C ILE B 261 19.61 6.10 -19.52
N LEU B 262 19.33 5.10 -18.70
CA LEU B 262 19.89 3.79 -18.89
C LEU B 262 18.96 2.85 -19.70
N LEU B 263 19.56 1.89 -20.40
CA LEU B 263 18.82 0.73 -20.81
C LEU B 263 19.49 -0.40 -20.08
N GLY B 264 18.67 -1.18 -19.38
CA GLY B 264 19.16 -2.31 -18.64
C GLY B 264 18.47 -3.59 -19.06
N GLU B 265 19.23 -4.67 -19.11
CA GLU B 265 18.61 -5.95 -19.24
C GLU B 265 18.14 -6.42 -17.86
N VAL B 266 16.84 -6.69 -17.75
CA VAL B 266 16.25 -7.00 -16.43
C VAL B 266 15.62 -8.39 -16.47
N ALA B 267 16.00 -9.27 -15.54
CA ALA B 267 15.49 -10.65 -15.50
C ALA B 267 14.19 -10.72 -14.68
N LEU B 268 13.04 -10.68 -15.35
CA LEU B 268 11.73 -10.52 -14.67
C LEU B 268 11.11 -11.84 -14.17
N GLY B 269 11.30 -12.91 -14.93
CA GLY B 269 10.73 -14.22 -14.59
C GLY B 269 9.24 -14.10 -14.39
N ASN B 270 8.74 -14.71 -13.32
CA ASN B 270 7.32 -14.60 -12.96
C ASN B 270 6.99 -13.26 -12.33
N MET B 271 6.16 -12.49 -13.04
CA MET B 271 5.71 -11.20 -12.56
C MET B 271 4.45 -11.30 -11.68
N TYR B 272 4.59 -10.83 -10.44
CA TYR B 272 3.49 -10.50 -9.55
C TYR B 272 2.87 -9.15 -10.01
N GLU B 273 1.71 -9.22 -10.67
CA GLU B 273 1.14 -8.09 -11.36
C GLU B 273 0.24 -7.36 -10.42
N LEU B 274 0.47 -6.07 -10.23
CA LEU B 274 -0.30 -5.33 -9.22
C LEU B 274 -0.82 -4.03 -9.81
N LYS B 275 -1.86 -3.47 -9.20
CA LYS B 275 -2.55 -2.31 -9.78
C LYS B 275 -2.45 -1.09 -8.86
N HIS B 276 -2.02 -1.33 -7.61
CA HIS B 276 -2.05 -0.35 -6.53
C HIS B 276 -0.89 -0.61 -5.61
N ALA B 277 -0.59 0.35 -4.74
CA ALA B 277 0.56 0.27 -3.86
C ALA B 277 0.58 -1.01 -3.06
N SER B 278 1.78 -1.54 -2.87
CA SER B 278 1.99 -2.74 -2.08
C SER B 278 3.43 -2.67 -1.54
N HIS B 279 3.58 -2.34 -0.26
CA HIS B 279 4.92 -2.05 0.31
C HIS B 279 5.55 -3.33 0.78
N ILE B 280 6.24 -4.01 -0.15
CA ILE B 280 6.83 -5.29 0.20
C ILE B 280 8.35 -5.23 0.30
N SER B 281 8.93 -6.14 1.09
CA SER B 281 10.38 -6.30 1.14
C SER B 281 10.80 -7.56 0.38
N LYS B 282 9.99 -8.61 0.53
CA LYS B 282 10.17 -9.89 -0.15
C LYS B 282 9.12 -10.12 -1.25
N LEU B 283 9.39 -11.00 -2.19
CA LEU B 283 8.37 -11.45 -3.09
C LEU B 283 7.72 -12.71 -2.52
N PRO B 284 6.46 -12.98 -2.87
CA PRO B 284 5.88 -14.27 -2.50
C PRO B 284 6.66 -15.41 -3.19
N LYS B 285 6.91 -16.52 -2.50
CA LYS B 285 7.46 -17.75 -3.13
C LYS B 285 6.83 -17.95 -4.52
N GLY B 286 7.67 -18.18 -5.54
CA GLY B 286 7.16 -18.28 -6.92
C GLY B 286 7.26 -17.08 -7.86
N LYS B 287 7.58 -15.89 -7.33
CA LYS B 287 7.62 -14.69 -8.16
C LYS B 287 9.01 -14.09 -8.22
N HIS B 288 9.38 -13.44 -9.34
CA HIS B 288 10.73 -12.83 -9.46
C HIS B 288 10.79 -11.31 -9.58
N SER B 289 9.61 -10.70 -9.73
CA SER B 289 9.51 -9.27 -9.89
C SER B 289 8.08 -8.82 -9.67
N VAL B 290 7.88 -7.51 -9.54
CA VAL B 290 6.56 -6.94 -9.63
C VAL B 290 6.32 -6.22 -10.96
N LYS B 291 5.13 -6.39 -11.50
CA LYS B 291 4.74 -5.51 -12.62
C LYS B 291 3.56 -4.65 -12.21
N GLY B 292 3.80 -3.34 -12.17
CA GLY B 292 2.72 -2.38 -11.93
C GLY B 292 2.03 -2.26 -13.26
N LEU B 293 0.77 -2.63 -13.33
CA LEU B 293 0.07 -2.58 -14.61
C LEU B 293 -0.39 -1.15 -14.95
N GLY B 294 0.04 -0.63 -16.09
CA GLY B 294 -0.44 0.69 -16.54
C GLY B 294 -1.71 0.58 -17.38
N LYS B 295 -2.43 1.69 -17.50
CA LYS B 295 -3.57 1.78 -18.41
C LYS B 295 -3.15 1.69 -19.87
N THR B 296 -1.98 2.23 -20.18
CA THR B 296 -1.40 2.14 -21.52
C THR B 296 -0.14 1.27 -21.56
N THR B 297 -0.01 0.48 -22.61
CA THR B 297 1.16 -0.39 -22.80
C THR B 297 1.68 -0.30 -24.23
N PRO B 298 3.02 -0.41 -24.43
CA PRO B 298 3.54 -0.55 -25.80
C PRO B 298 2.93 -1.79 -26.47
N ASP B 299 2.51 -1.63 -27.72
CA ASP B 299 1.84 -2.70 -28.44
C ASP B 299 2.68 -3.97 -28.54
N PRO B 300 2.23 -5.05 -27.86
CA PRO B 300 2.90 -6.36 -27.71
C PRO B 300 3.25 -7.12 -28.98
N SER B 301 2.47 -6.93 -30.05
CA SER B 301 2.80 -7.52 -31.35
C SER B 301 4.02 -6.87 -32.05
N ALA B 302 4.42 -5.66 -31.63
CA ALA B 302 5.62 -5.01 -32.16
C ALA B 302 6.91 -5.29 -31.36
N ASN B 303 6.84 -6.22 -30.41
CA ASN B 303 8.04 -6.63 -29.64
C ASN B 303 9.10 -7.22 -30.53
N ILE B 304 10.35 -6.79 -30.34
CA ILE B 304 11.47 -7.45 -31.01
C ILE B 304 12.39 -8.13 -29.99
N SER B 305 13.46 -8.74 -30.49
CA SER B 305 14.35 -9.56 -29.67
C SER B 305 15.85 -9.35 -29.97
N LEU B 306 16.35 -8.14 -29.70
CA LEU B 306 17.79 -7.82 -29.63
C LEU B 306 18.51 -8.66 -28.54
N ASP B 307 18.95 -9.85 -28.96
CA ASP B 307 19.81 -10.77 -28.17
C ASP B 307 19.06 -11.75 -27.31
N GLY B 308 17.82 -12.09 -27.68
CA GLY B 308 17.00 -12.99 -26.86
C GLY B 308 16.43 -12.26 -25.64
N VAL B 309 16.69 -10.95 -25.61
CA VAL B 309 16.04 -10.07 -24.67
C VAL B 309 14.94 -9.39 -25.47
N ASP B 310 13.71 -9.42 -24.96
CA ASP B 310 12.63 -8.65 -25.56
C ASP B 310 12.77 -7.14 -25.38
N VAL B 311 12.51 -6.45 -26.49
CA VAL B 311 12.49 -4.98 -26.51
C VAL B 311 11.07 -4.50 -26.85
N PRO B 312 10.38 -3.94 -25.86
CA PRO B 312 8.99 -3.59 -26.05
C PRO B 312 8.85 -2.21 -26.70
N LEU B 313 9.29 -2.11 -27.96
CA LEU B 313 9.31 -0.82 -28.69
C LEU B 313 8.02 -0.47 -29.47
N GLY B 314 6.92 -1.16 -29.15
CA GLY B 314 5.62 -0.83 -29.68
C GLY B 314 5.12 0.54 -29.27
N THR B 315 4.26 1.09 -30.13
CA THR B 315 3.46 2.28 -29.87
C THR B 315 2.45 1.99 -28.77
N GLY B 316 2.09 3.01 -28.01
CA GLY B 316 1.20 2.89 -26.85
C GLY B 316 -0.24 2.58 -27.21
N ILE B 317 -0.76 1.49 -26.66
CA ILE B 317 -2.17 1.15 -26.82
C ILE B 317 -2.77 0.90 -25.47
N SER B 318 -4.10 0.87 -25.45
CA SER B 318 -4.80 0.55 -24.25
C SER B 318 -4.47 -0.89 -23.86
N SER B 319 -4.03 -1.07 -22.64
CA SER B 319 -3.86 -2.41 -22.07
C SER B 319 -5.28 -2.88 -21.71
N GLY B 320 -5.46 -4.15 -21.41
CA GLY B 320 -6.80 -4.57 -20.99
C GLY B 320 -7.19 -4.26 -19.54
N VAL B 321 -6.61 -3.20 -18.95
CA VAL B 321 -6.66 -3.05 -17.48
C VAL B 321 -7.61 -2.01 -16.90
N ASN B 322 -8.52 -2.52 -16.09
CA ASN B 322 -9.50 -1.75 -15.34
C ASN B 322 -9.06 -1.46 -13.89
N ASP B 323 -9.34 -0.25 -13.42
CA ASP B 323 -9.13 0.11 -12.03
C ASP B 323 -7.68 -0.09 -11.68
N THR B 324 -6.80 0.73 -12.26
CA THR B 324 -5.40 0.74 -11.84
C THR B 324 -5.01 2.15 -11.36
N SER B 325 -4.14 2.23 -10.38
CA SER B 325 -3.49 3.50 -10.05
C SER B 325 -2.47 4.01 -11.11
N LEU B 326 -2.16 3.23 -12.13
CA LEU B 326 -0.99 3.55 -12.96
C LEU B 326 -1.36 3.91 -14.38
N LEU B 327 -0.88 5.07 -14.85
CA LEU B 327 -1.01 5.41 -16.25
C LEU B 327 -0.17 4.46 -17.13
N TYR B 328 1.07 4.17 -16.70
CA TYR B 328 1.99 3.34 -17.54
C TYR B 328 2.56 2.23 -16.67
N ASN B 329 3.00 1.13 -17.30
CA ASN B 329 3.67 0.05 -16.60
C ASN B 329 4.87 0.43 -15.76
N GLU B 330 5.20 -0.47 -14.84
CA GLU B 330 6.33 -0.32 -13.96
C GLU B 330 6.88 -1.70 -13.63
N TYR B 331 8.18 -1.81 -13.47
CA TYR B 331 8.77 -3.13 -13.22
C TYR B 331 9.78 -2.98 -12.10
N ILE B 332 9.68 -3.85 -11.10
CA ILE B 332 10.50 -3.74 -9.90
C ILE B 332 11.10 -5.11 -9.64
N VAL B 333 12.42 -5.15 -9.43
CA VAL B 333 13.08 -6.37 -8.92
C VAL B 333 13.66 -6.03 -7.58
N TYR B 334 13.96 -7.08 -6.81
CA TYR B 334 14.23 -6.95 -5.39
C TYR B 334 15.58 -7.61 -5.07
N ASP B 335 16.36 -7.88 -6.11
CA ASP B 335 17.73 -8.42 -5.94
C ASP B 335 18.57 -7.75 -7.01
N ILE B 336 19.63 -7.03 -6.60
CA ILE B 336 20.47 -6.22 -7.50
C ILE B 336 21.09 -7.05 -8.64
N ALA B 337 21.23 -8.35 -8.40
CA ALA B 337 21.84 -9.26 -9.35
C ALA B 337 20.93 -9.53 -10.56
N GLN B 338 19.66 -9.12 -10.50
CA GLN B 338 18.73 -9.28 -11.66
C GLN B 338 18.80 -8.20 -12.78
N VAL B 339 19.81 -7.34 -12.70
CA VAL B 339 19.99 -6.25 -13.65
C VAL B 339 21.37 -6.29 -14.29
N ASN B 340 21.43 -6.09 -15.61
CA ASN B 340 22.71 -5.97 -16.33
C ASN B 340 22.56 -4.74 -17.22
N LEU B 341 23.16 -3.64 -16.78
CA LEU B 341 23.18 -2.38 -17.54
C LEU B 341 23.85 -2.55 -18.91
N LYS B 342 23.18 -2.10 -19.96
CA LYS B 342 23.66 -2.35 -21.34
C LYS B 342 24.10 -1.07 -22.03
N TYR B 343 23.21 -0.08 -22.04
CA TYR B 343 23.46 1.21 -22.68
C TYR B 343 23.21 2.37 -21.76
N LEU B 344 23.83 3.47 -22.11
CA LEU B 344 23.58 4.73 -21.47
C LEU B 344 23.38 5.78 -22.59
N LEU B 345 22.24 6.46 -22.54
CA LEU B 345 21.86 7.47 -23.53
C LEU B 345 21.98 8.89 -23.00
N LYS B 346 22.48 9.76 -23.85
CA LYS B 346 22.44 11.18 -23.52
C LYS B 346 21.45 11.82 -24.44
N LEU B 347 20.53 12.59 -23.85
CA LEU B 347 19.36 13.11 -24.55
C LEU B 347 19.16 14.59 -24.28
N LYS B 348 18.82 15.35 -25.31
CA LYS B 348 18.39 16.73 -25.18
C LYS B 348 16.89 16.77 -25.08
N PHE B 349 16.42 17.46 -24.06
CA PHE B 349 14.99 17.69 -23.88
C PHE B 349 14.65 19.04 -24.51
N ASN B 350 13.72 19.02 -25.46
CA ASN B 350 13.17 20.26 -26.03
C ASN B 350 11.80 20.62 -25.44
N PHE B 351 11.81 21.57 -24.51
CA PHE B 351 10.62 22.01 -23.81
C PHE B 351 9.75 22.91 -24.70
N LYS B 352 8.44 22.67 -24.68
CA LYS B 352 7.51 23.30 -25.61
C LYS B 352 6.94 24.54 -24.99
N THR B 353 6.90 25.63 -25.76
CA THR B 353 6.25 26.87 -25.35
C THR B 353 5.31 27.30 -26.47
#